data_4GXW
#
_entry.id   4GXW
#
_cell.length_a   73.058
_cell.length_b   66.223
_cell.length_c   75.432
_cell.angle_alpha   90.000
_cell.angle_beta   93.640
_cell.angle_gamma   90.000
#
_symmetry.space_group_name_H-M   'P 1 21 1'
#
loop_
_entity.id
_entity.type
_entity.pdbx_description
1 polymer 'Adenosine deaminase'
2 non-polymer 'ZINC ION'
3 non-polymer 'CHLORIDE ION'
4 water water
#
_entity_poly.entity_id   1
_entity_poly.type   'polypeptide(L)'
_entity_poly.pdbx_seq_one_letter_code
;MVKGTPGNVPAARTGIEITAAHRAFFHALPKVELHCHLLGAVRHDTFVALAQRSGAPIERAEIDAFYARGEKPVGVLHVL
RALDRYLLTRPDDLRRIAYEYLEDAAAHNVRHAEFFWNPTGTVRVSGIPYADAQAAIVTGMRDAARDFGIGARLIPSIDR
EQDPDEAVAIVDWMKANRADEVAGIGIDYRENDRPPELFWKAYRDARAAGFRTTAHAGEFGMPWRNVETAVDLLHVDRVD
HGYTIVDNPELCARYAERGIVFTVVPTNSYYLRTLPPDQWAERHPMRKMPGLGLKIHPNTDDPTLHKVNPSEAWELMFSH
FGFTIADLKQFMLNGIDGAWVDDDTKAAWRAAWAPEFDMLADTLAADKLAAALEHHHHHH
;
_entity_poly.pdbx_strand_id   A,B
#
loop_
_chem_comp.id
_chem_comp.type
_chem_comp.name
_chem_comp.formula
CL non-polymer 'CHLORIDE ION' 'Cl -1'
ZN non-polymer 'ZINC ION' 'Zn 2'
#
# COMPACT_ATOMS: atom_id res chain seq x y z
N GLY A 4 32.40 19.05 -6.79
CA GLY A 4 31.58 18.19 -5.94
C GLY A 4 32.15 16.79 -5.85
N THR A 5 31.36 15.86 -5.31
CA THR A 5 31.75 14.46 -5.24
C THR A 5 30.71 13.64 -5.98
N PRO A 6 31.12 12.50 -6.55
CA PRO A 6 30.12 11.63 -7.17
C PRO A 6 29.04 11.24 -6.17
N GLY A 7 27.79 11.27 -6.61
CA GLY A 7 26.66 10.89 -5.77
C GLY A 7 26.41 11.82 -4.60
N ASN A 8 27.05 12.98 -4.61
CA ASN A 8 26.96 13.93 -3.50
C ASN A 8 27.29 13.29 -2.15
N VAL A 9 28.19 12.32 -2.16
CA VAL A 9 28.64 11.68 -0.92
C VAL A 9 29.60 12.64 -0.21
N PRO A 10 29.87 12.39 1.09
CA PRO A 10 30.82 13.26 1.80
C PRO A 10 32.17 13.37 1.09
N ALA A 11 32.79 14.54 1.16
CA ALA A 11 34.06 14.77 0.48
C ALA A 11 35.10 13.81 1.02
N ALA A 12 35.99 13.34 0.14
CA ALA A 12 37.03 12.40 0.55
C ALA A 12 37.93 13.01 1.62
N ARG A 13 38.28 12.20 2.62
CA ARG A 13 39.17 12.63 3.69
C ARG A 13 40.46 11.84 3.63
N THR A 14 40.72 11.26 2.45
CA THR A 14 41.79 10.28 2.26
C THR A 14 43.07 10.86 1.68
N GLY A 15 43.05 12.12 1.27
CA GLY A 15 44.22 12.74 0.68
C GLY A 15 44.45 12.44 -0.80
N ILE A 16 43.71 11.48 -1.36
CA ILE A 16 43.80 11.20 -2.80
C ILE A 16 43.10 12.30 -3.57
N GLU A 17 43.84 12.94 -4.47
CA GLU A 17 43.21 13.90 -5.38
C GLU A 17 42.91 13.20 -6.70
N ILE A 18 41.64 13.19 -7.07
CA ILE A 18 41.23 12.60 -8.33
C ILE A 18 41.51 13.60 -9.45
N THR A 19 42.29 13.16 -10.44
CA THR A 19 42.67 14.02 -11.54
C THR A 19 41.96 13.57 -12.81
N ALA A 20 42.12 14.35 -13.88
CA ALA A 20 41.58 13.96 -15.17
C ALA A 20 42.09 12.59 -15.59
N ALA A 21 43.37 12.32 -15.29
CA ALA A 21 43.97 11.01 -15.59
C ALA A 21 43.20 9.88 -14.91
N HIS A 22 42.90 10.06 -13.63
CA HIS A 22 42.12 9.08 -12.88
C HIS A 22 40.75 8.89 -13.51
N ARG A 23 40.09 10.00 -13.85
CA ARG A 23 38.75 9.89 -14.44
C ARG A 23 38.77 9.15 -15.77
N ALA A 24 39.82 9.36 -16.57
CA ALA A 24 39.96 8.67 -17.83
C ALA A 24 40.14 7.17 -17.58
N PHE A 25 40.92 6.83 -16.55
CA PHE A 25 41.12 5.43 -16.15
C PHE A 25 39.79 4.77 -15.76
N PHE A 26 39.05 5.40 -14.86
CA PHE A 26 37.81 4.79 -14.38
C PHE A 26 36.80 4.63 -15.50
N HIS A 27 36.77 5.61 -16.40
CA HIS A 27 35.88 5.56 -17.55
C HIS A 27 36.22 4.44 -18.54
N ALA A 28 37.50 4.28 -18.83
CA ALA A 28 37.97 3.30 -19.82
C ALA A 28 37.86 1.85 -19.34
N LEU A 29 37.86 1.66 -18.02
N LEU A 29 37.85 1.66 -18.02
CA LEU A 29 37.75 0.35 -17.39
CA LEU A 29 37.77 0.32 -17.43
C LEU A 29 36.60 -0.49 -17.97
C LEU A 29 36.62 -0.49 -18.02
N PRO A 30 36.90 -1.68 -18.54
CA PRO A 30 35.77 -2.51 -18.97
C PRO A 30 35.00 -2.99 -17.74
N LYS A 31 33.68 -3.00 -17.83
CA LYS A 31 32.84 -3.28 -16.68
C LYS A 31 31.69 -4.22 -16.96
N VAL A 32 31.29 -4.93 -15.92
N VAL A 32 31.31 -4.99 -15.96
CA VAL A 32 30.00 -5.58 -15.86
CA VAL A 32 29.96 -5.54 -15.92
C VAL A 32 29.21 -4.84 -14.78
C VAL A 32 29.21 -4.77 -14.83
N GLU A 33 27.89 -4.72 -14.95
CA GLU A 33 27.04 -4.22 -13.88
C GLU A 33 26.06 -5.33 -13.51
N LEU A 34 26.02 -5.66 -12.23
CA LEU A 34 25.21 -6.77 -11.73
C LEU A 34 24.13 -6.32 -10.75
N HIS A 35 24.10 -5.03 -10.42
CA HIS A 35 23.16 -4.52 -9.42
C HIS A 35 22.65 -3.15 -9.85
N CYS A 36 21.54 -3.15 -10.56
CA CYS A 36 20.94 -1.91 -11.05
C CYS A 36 19.45 -2.12 -11.24
N HIS A 37 18.66 -1.24 -10.65
CA HIS A 37 17.21 -1.28 -10.80
C HIS A 37 16.81 -0.42 -11.99
N LEU A 38 16.12 -1.04 -12.95
CA LEU A 38 15.60 -0.36 -14.13
C LEU A 38 14.91 0.96 -13.78
N LEU A 39 14.03 0.92 -12.79
CA LEU A 39 13.23 2.08 -12.44
C LEU A 39 14.04 3.12 -11.64
N GLY A 40 15.25 2.75 -11.23
CA GLY A 40 16.18 3.70 -10.64
C GLY A 40 17.19 4.28 -11.63
N ALA A 41 16.97 3.99 -12.91
CA ALA A 41 17.85 4.42 -13.98
C ALA A 41 17.11 5.26 -15.03
N VAL A 42 15.92 5.76 -14.68
CA VAL A 42 15.18 6.60 -15.61
C VAL A 42 15.80 8.00 -15.66
N ARG A 43 16.10 8.48 -16.86
CA ARG A 43 16.66 9.83 -17.02
C ARG A 43 15.64 10.88 -16.59
N HIS A 44 16.11 11.94 -15.95
CA HIS A 44 15.22 13.00 -15.50
C HIS A 44 14.27 13.47 -16.59
N ASP A 45 14.79 13.71 -17.79
CA ASP A 45 13.95 14.23 -18.86
C ASP A 45 12.97 13.20 -19.42
N THR A 46 13.31 11.93 -19.31
CA THR A 46 12.36 10.88 -19.68
C THR A 46 11.24 10.78 -18.64
N PHE A 47 11.61 10.94 -17.37
CA PHE A 47 10.65 11.00 -16.28
C PHE A 47 9.64 12.13 -16.54
N VAL A 48 10.15 13.30 -16.95
CA VAL A 48 9.31 14.42 -17.33
C VAL A 48 8.35 14.09 -18.47
N ALA A 49 8.86 13.46 -19.52
CA ALA A 49 8.06 13.10 -20.68
C ALA A 49 6.95 12.14 -20.30
N LEU A 50 7.30 11.14 -19.51
CA LEU A 50 6.31 10.17 -19.04
C LEU A 50 5.22 10.83 -18.18
N ALA A 51 5.63 11.72 -17.30
CA ALA A 51 4.68 12.42 -16.42
C ALA A 51 3.71 13.29 -17.22
N GLN A 52 4.24 14.03 -18.17
CA GLN A 52 3.44 14.95 -18.96
C GLN A 52 2.43 14.20 -19.82
N ARG A 53 2.85 13.06 -20.38
CA ARG A 53 1.95 12.26 -21.20
C ARG A 53 0.86 11.55 -20.39
N SER A 54 1.23 11.03 -19.22
CA SER A 54 0.27 10.28 -18.39
C SER A 54 -0.67 11.18 -17.61
N GLY A 55 -0.32 12.46 -17.51
CA GLY A 55 -1.07 13.37 -16.67
C GLY A 55 -0.93 12.95 -15.22
N ALA A 56 0.27 12.50 -14.86
CA ALA A 56 0.56 12.09 -13.50
C ALA A 56 0.41 13.28 -12.57
N PRO A 57 -0.13 13.06 -11.36
CA PRO A 57 -0.30 14.12 -10.36
C PRO A 57 1.03 14.49 -9.73
N ILE A 58 1.98 14.85 -10.59
CA ILE A 58 3.35 15.19 -10.20
C ILE A 58 3.80 16.35 -11.09
N GLU A 59 3.99 17.53 -10.51
CA GLU A 59 4.41 18.69 -11.29
C GLU A 59 5.94 18.74 -11.41
N ARG A 60 6.42 19.64 -12.28
CA ARG A 60 7.86 19.79 -12.52
C ARG A 60 8.69 19.86 -11.24
N ALA A 61 8.13 20.45 -10.19
CA ALA A 61 8.85 20.59 -8.92
C ALA A 61 8.72 19.36 -7.99
N GLU A 62 7.66 18.59 -8.16
CA GLU A 62 7.50 17.35 -7.39
C GLU A 62 8.44 16.31 -7.97
N ILE A 63 8.74 16.45 -9.26
CA ILE A 63 9.69 15.59 -9.94
C ILE A 63 11.11 15.85 -9.43
N ASP A 64 11.34 17.03 -8.86
CA ASP A 64 12.70 17.41 -8.50
C ASP A 64 13.07 17.12 -7.04
N ALA A 65 12.08 16.94 -6.18
CA ALA A 65 12.33 16.35 -4.87
C ALA A 65 12.62 14.87 -5.09
N PHE A 66 12.00 14.31 -6.11
CA PHE A 66 12.24 12.93 -6.54
C PHE A 66 13.70 12.73 -6.95
N TYR A 67 14.25 13.70 -7.67
CA TYR A 67 15.62 13.61 -8.19
C TYR A 67 16.67 14.33 -7.35
N ALA A 68 16.24 14.97 -6.27
CA ALA A 68 17.18 15.61 -5.35
C ALA A 68 17.88 14.56 -4.50
N ARG A 69 19.21 14.64 -4.46
CA ARG A 69 20.02 13.67 -3.73
C ARG A 69 20.84 14.40 -2.66
N GLY A 70 20.33 14.41 -1.43
CA GLY A 70 20.90 15.21 -0.36
C GLY A 70 21.92 14.49 0.50
N GLU A 71 22.33 15.15 1.60
CA GLU A 71 23.48 14.69 2.40
C GLU A 71 23.18 13.51 3.33
N LYS A 72 21.99 13.50 3.93
CA LYS A 72 21.52 12.32 4.65
C LYS A 72 20.37 11.72 3.87
N PRO A 73 20.65 11.23 2.65
CA PRO A 73 19.57 11.03 1.68
C PRO A 73 18.52 10.00 2.08
N VAL A 74 17.27 10.32 1.78
CA VAL A 74 16.18 9.38 1.96
C VAL A 74 16.26 8.31 0.88
N GLY A 75 15.72 7.14 1.16
CA GLY A 75 15.66 6.08 0.18
C GLY A 75 14.74 6.46 -0.97
N VAL A 76 14.99 5.90 -2.14
CA VAL A 76 14.29 6.31 -3.35
C VAL A 76 13.19 5.32 -3.75
N LEU A 77 12.82 4.43 -2.85
CA LEU A 77 11.80 3.43 -3.15
C LEU A 77 10.49 4.08 -3.56
N HIS A 78 10.19 5.24 -2.99
CA HIS A 78 8.96 5.97 -3.31
C HIS A 78 8.93 6.46 -4.76
N VAL A 79 10.10 6.71 -5.33
CA VAL A 79 10.16 7.14 -6.73
C VAL A 79 9.81 5.96 -7.62
N LEU A 80 10.35 4.79 -7.30
CA LEU A 80 10.01 3.57 -8.02
C LEU A 80 8.52 3.31 -7.94
N ARG A 81 7.93 3.54 -6.77
CA ARG A 81 6.50 3.33 -6.57
C ARG A 81 5.68 4.29 -7.43
N ALA A 82 6.13 5.54 -7.52
CA ALA A 82 5.44 6.54 -8.35
C ALA A 82 5.51 6.18 -9.84
N LEU A 83 6.65 5.64 -10.28
CA LEU A 83 6.79 5.18 -11.66
C LEU A 83 5.76 4.10 -11.98
N ASP A 84 5.64 3.09 -11.11
CA ASP A 84 4.64 2.04 -11.33
C ASP A 84 3.21 2.56 -11.33
N ARG A 85 2.90 3.43 -10.38
CA ARG A 85 1.50 3.82 -10.20
C ARG A 85 1.00 4.86 -11.20
N TYR A 86 1.89 5.76 -11.63
CA TYR A 86 1.45 6.91 -12.42
C TYR A 86 2.12 7.10 -13.79
N LEU A 87 3.36 6.68 -13.93
CA LEU A 87 4.14 7.07 -15.11
C LEU A 87 4.25 6.03 -16.20
N LEU A 88 4.45 4.78 -15.82
CA LEU A 88 4.65 3.71 -16.78
C LEU A 88 3.29 3.13 -17.12
N THR A 89 2.75 3.54 -18.27
CA THR A 89 1.37 3.21 -18.61
C THR A 89 1.22 2.35 -19.87
N ARG A 90 2.31 2.13 -20.59
CA ARG A 90 2.31 1.31 -21.81
C ARG A 90 3.55 0.46 -21.82
N PRO A 91 3.47 -0.76 -22.39
CA PRO A 91 4.67 -1.58 -22.54
C PRO A 91 5.82 -0.81 -23.16
N ASP A 92 5.54 0.04 -24.14
CA ASP A 92 6.62 0.77 -24.81
C ASP A 92 7.45 1.65 -23.88
N ASP A 93 6.86 2.09 -22.77
CA ASP A 93 7.59 2.88 -21.78
C ASP A 93 8.71 2.05 -21.15
N LEU A 94 8.44 0.77 -20.92
CA LEU A 94 9.44 -0.15 -20.38
C LEU A 94 10.54 -0.42 -21.39
N ARG A 95 10.17 -0.54 -22.67
CA ARG A 95 11.17 -0.67 -23.73
C ARG A 95 12.08 0.54 -23.70
N ARG A 96 11.49 1.74 -23.68
CA ARG A 96 12.27 2.97 -23.69
C ARG A 96 13.26 3.06 -22.53
N ILE A 97 12.80 2.80 -21.31
CA ILE A 97 13.70 2.99 -20.18
C ILE A 97 14.79 1.90 -20.14
N ALA A 98 14.48 0.70 -20.62
CA ALA A 98 15.51 -0.34 -20.71
C ALA A 98 16.58 0.06 -21.73
N TYR A 99 16.15 0.55 -22.88
CA TYR A 99 17.06 0.95 -23.95
C TYR A 99 17.93 2.12 -23.48
N GLU A 100 17.33 3.10 -22.81
CA GLU A 100 18.07 4.28 -22.37
C GLU A 100 19.06 3.96 -21.25
N TYR A 101 18.68 3.07 -20.33
CA TYR A 101 19.60 2.61 -19.30
C TYR A 101 20.80 1.94 -19.94
N LEU A 102 20.56 1.02 -20.86
CA LEU A 102 21.65 0.27 -21.47
C LEU A 102 22.55 1.18 -22.31
N GLU A 103 21.97 2.18 -22.97
CA GLU A 103 22.76 3.19 -23.67
C GLU A 103 23.69 3.93 -22.72
N ASP A 104 23.15 4.36 -21.58
CA ASP A 104 23.94 5.07 -20.59
C ASP A 104 25.03 4.20 -19.97
N ALA A 105 24.72 2.94 -19.71
CA ALA A 105 25.73 2.01 -19.18
C ALA A 105 26.85 1.79 -20.21
N ALA A 106 26.47 1.56 -21.47
CA ALA A 106 27.44 1.34 -22.54
C ALA A 106 28.39 2.51 -22.69
N ALA A 107 27.89 3.72 -22.46
CA ALA A 107 28.70 4.94 -22.59
C ALA A 107 29.84 4.94 -21.57
N HIS A 108 29.71 4.14 -20.52
CA HIS A 108 30.74 4.03 -19.48
C HIS A 108 31.48 2.71 -19.55
N ASN A 109 31.44 2.09 -20.73
CA ASN A 109 32.14 0.84 -20.99
C ASN A 109 31.65 -0.34 -20.16
N VAL A 110 30.39 -0.29 -19.74
CA VAL A 110 29.71 -1.50 -19.30
C VAL A 110 29.46 -2.35 -20.54
N ARG A 111 30.00 -3.56 -20.55
CA ARG A 111 29.89 -4.45 -21.70
C ARG A 111 28.80 -5.49 -21.51
N HIS A 112 28.36 -5.64 -20.26
CA HIS A 112 27.35 -6.62 -19.88
C HIS A 112 26.65 -6.09 -18.64
N ALA A 113 25.33 -5.94 -18.71
CA ALA A 113 24.53 -5.42 -17.60
C ALA A 113 23.40 -6.38 -17.26
N GLU A 114 23.26 -6.72 -15.98
CA GLU A 114 22.12 -7.51 -15.52
C GLU A 114 21.34 -6.60 -14.59
N PHE A 115 20.07 -6.38 -14.89
CA PHE A 115 19.27 -5.37 -14.20
C PHE A 115 17.94 -5.90 -13.67
N PHE A 116 17.49 -5.28 -12.58
CA PHE A 116 16.30 -5.71 -11.84
C PHE A 116 15.03 -4.97 -12.31
N TRP A 117 13.93 -5.71 -12.40
CA TRP A 117 12.62 -5.14 -12.71
C TRP A 117 11.60 -5.88 -11.86
N ASN A 118 10.69 -5.16 -11.21
CA ASN A 118 9.64 -5.78 -10.41
C ASN A 118 8.35 -5.97 -11.21
N PRO A 119 8.07 -7.20 -11.63
CA PRO A 119 6.84 -7.43 -12.40
C PRO A 119 5.55 -7.24 -11.61
N THR A 120 5.59 -7.42 -10.29
CA THR A 120 4.38 -7.27 -9.49
C THR A 120 3.77 -5.88 -9.65
N GLY A 121 4.61 -4.85 -9.48
CA GLY A 121 4.15 -3.48 -9.68
C GLY A 121 3.62 -3.25 -11.09
N THR A 122 4.32 -3.75 -12.09
CA THR A 122 3.91 -3.53 -13.46
C THR A 122 2.56 -4.19 -13.76
N VAL A 123 2.42 -5.45 -13.38
CA VAL A 123 1.18 -6.17 -13.67
C VAL A 123 0.01 -5.72 -12.80
N ARG A 124 0.24 -5.63 -11.49
CA ARG A 124 -0.84 -5.35 -10.55
C ARG A 124 -1.17 -3.87 -10.42
N VAL A 125 -0.16 -3.01 -10.52
CA VAL A 125 -0.39 -1.58 -10.30
C VAL A 125 -0.47 -0.82 -11.62
N SER A 126 0.52 -0.98 -12.49
CA SER A 126 0.45 -0.33 -13.81
C SER A 126 -0.62 -0.95 -14.70
N GLY A 127 -0.96 -2.21 -14.45
CA GLY A 127 -1.97 -2.90 -15.24
C GLY A 127 -1.50 -3.28 -16.64
N ILE A 128 -0.22 -3.61 -16.75
CA ILE A 128 0.35 -4.07 -18.01
C ILE A 128 0.64 -5.56 -17.89
N PRO A 129 0.02 -6.38 -18.76
CA PRO A 129 0.22 -7.82 -18.66
C PRO A 129 1.69 -8.24 -18.74
N TYR A 130 2.06 -9.25 -17.96
CA TYR A 130 3.45 -9.70 -17.88
C TYR A 130 4.05 -9.92 -19.27
N ALA A 131 3.34 -10.68 -20.10
CA ALA A 131 3.87 -11.09 -21.40
C ALA A 131 4.26 -9.87 -22.25
N ASP A 132 3.41 -8.85 -22.23
CA ASP A 132 3.68 -7.63 -22.99
C ASP A 132 4.81 -6.83 -22.39
N ALA A 133 4.86 -6.77 -21.06
CA ALA A 133 5.91 -6.03 -20.38
C ALA A 133 7.27 -6.65 -20.64
N GLN A 134 7.38 -7.96 -20.46
CA GLN A 134 8.66 -8.64 -20.69
C GLN A 134 9.10 -8.51 -22.14
N ALA A 135 8.17 -8.68 -23.08
CA ALA A 135 8.52 -8.56 -24.49
C ALA A 135 9.07 -7.17 -24.80
N ALA A 136 8.49 -6.15 -24.19
CA ALA A 136 8.93 -4.78 -24.45
C ALA A 136 10.34 -4.54 -23.89
N ILE A 137 10.58 -5.00 -22.67
CA ILE A 137 11.92 -4.87 -22.10
C ILE A 137 12.95 -5.61 -22.94
N VAL A 138 12.61 -6.82 -23.37
CA VAL A 138 13.50 -7.64 -24.18
C VAL A 138 13.82 -6.93 -25.52
N THR A 139 12.82 -6.26 -26.10
CA THR A 139 13.05 -5.49 -27.31
C THR A 139 14.05 -4.37 -27.05
N GLY A 140 13.91 -3.69 -25.92
CA GLY A 140 14.84 -2.64 -25.56
C GLY A 140 16.24 -3.20 -25.42
N MET A 141 16.36 -4.36 -24.80
CA MET A 141 17.65 -5.05 -24.67
C MET A 141 18.26 -5.40 -26.02
N ARG A 142 17.45 -5.97 -26.91
CA ARG A 142 17.96 -6.38 -28.22
C ARG A 142 18.36 -5.17 -29.06
N ASP A 143 17.57 -4.10 -28.97
CA ASP A 143 17.91 -2.85 -29.66
C ASP A 143 19.21 -2.24 -29.14
N ALA A 144 19.42 -2.30 -27.83
CA ALA A 144 20.66 -1.75 -27.24
C ALA A 144 21.88 -2.59 -27.61
N ALA A 145 21.72 -3.90 -27.69
CA ALA A 145 22.82 -4.76 -28.13
C ALA A 145 23.19 -4.39 -29.56
N ARG A 146 22.18 -4.19 -30.41
CA ARG A 146 22.37 -3.82 -31.80
C ARG A 146 23.06 -2.46 -31.95
N ASP A 147 22.60 -1.48 -31.16
CA ASP A 147 23.05 -0.10 -31.32
C ASP A 147 24.33 0.25 -30.57
N PHE A 148 24.56 -0.39 -29.42
CA PHE A 148 25.70 -0.02 -28.57
C PHE A 148 26.64 -1.19 -28.24
N GLY A 149 26.26 -2.39 -28.65
CA GLY A 149 27.08 -3.57 -28.47
C GLY A 149 27.12 -4.10 -27.05
N ILE A 150 26.23 -3.60 -26.20
CA ILE A 150 26.19 -4.02 -24.80
C ILE A 150 25.29 -5.24 -24.64
N GLY A 151 25.78 -6.26 -23.94
CA GLY A 151 24.98 -7.44 -23.64
C GLY A 151 24.22 -7.23 -22.34
N ALA A 152 23.13 -7.97 -22.15
CA ALA A 152 22.31 -7.76 -20.97
C ALA A 152 21.50 -8.97 -20.57
N ARG A 153 21.18 -9.07 -19.28
CA ARG A 153 20.17 -10.01 -18.80
C ARG A 153 19.16 -9.27 -17.94
N LEU A 154 17.92 -9.74 -17.99
CA LEU A 154 16.83 -9.22 -17.17
C LEU A 154 16.61 -10.14 -15.98
N ILE A 155 16.45 -9.54 -14.80
CA ILE A 155 16.26 -10.28 -13.56
C ILE A 155 14.95 -9.80 -12.92
N PRO A 156 13.82 -10.46 -13.26
CA PRO A 156 12.56 -10.14 -12.59
C PRO A 156 12.75 -10.33 -11.09
N SER A 157 12.27 -9.39 -10.30
N SER A 157 12.30 -9.35 -10.31
CA SER A 157 12.59 -9.36 -8.88
CA SER A 157 12.60 -9.30 -8.89
C SER A 157 11.36 -9.28 -8.02
C SER A 157 11.34 -9.30 -8.03
N ILE A 158 11.38 -10.08 -6.96
CA ILE A 158 10.28 -10.13 -6.00
C ILE A 158 10.19 -8.81 -5.24
N ASP A 159 8.97 -8.28 -5.11
CA ASP A 159 8.68 -7.13 -4.27
C ASP A 159 8.38 -7.71 -2.88
N ARG A 160 9.36 -7.67 -1.99
CA ARG A 160 9.22 -8.38 -0.72
C ARG A 160 8.19 -7.75 0.22
N GLU A 161 7.68 -6.58 -0.13
CA GLU A 161 6.63 -5.96 0.68
C GLU A 161 5.26 -6.54 0.39
N GLN A 162 5.16 -7.32 -0.67
CA GLN A 162 3.91 -8.02 -0.98
C GLN A 162 3.98 -9.48 -0.55
N ASP A 163 2.83 -10.15 -0.59
CA ASP A 163 2.69 -11.53 -0.14
C ASP A 163 3.60 -12.49 -0.93
N PRO A 164 4.09 -13.56 -0.28
CA PRO A 164 4.90 -14.56 -1.01
C PRO A 164 4.18 -15.20 -2.21
N ASP A 165 2.85 -15.19 -2.24
CA ASP A 165 2.12 -15.65 -3.43
C ASP A 165 2.47 -14.84 -4.68
N GLU A 166 2.76 -13.56 -4.52
CA GLU A 166 3.10 -12.73 -5.67
C GLU A 166 4.46 -13.14 -6.21
N ALA A 167 5.33 -13.58 -5.32
CA ALA A 167 6.66 -14.05 -5.71
C ALA A 167 6.55 -15.33 -6.55
N VAL A 168 5.72 -16.26 -6.11
CA VAL A 168 5.45 -17.47 -6.90
C VAL A 168 4.87 -17.10 -8.26
N ALA A 169 3.99 -16.11 -8.29
CA ALA A 169 3.38 -15.67 -9.55
C ALA A 169 4.44 -15.21 -10.56
N ILE A 170 5.51 -14.58 -10.09
CA ILE A 170 6.58 -14.14 -10.98
C ILE A 170 7.25 -15.32 -11.68
N VAL A 171 7.56 -16.36 -10.91
CA VAL A 171 8.20 -17.53 -11.49
C VAL A 171 7.26 -18.20 -12.50
N ASP A 172 5.96 -18.26 -12.18
CA ASP A 172 4.95 -18.76 -13.11
C ASP A 172 4.99 -17.96 -14.43
N TRP A 173 5.00 -16.64 -14.31
CA TRP A 173 5.08 -15.78 -15.50
C TRP A 173 6.33 -16.07 -16.31
N MET A 174 7.46 -16.21 -15.63
CA MET A 174 8.73 -16.44 -16.30
C MET A 174 8.73 -17.76 -17.08
N LYS A 175 8.20 -18.81 -16.46
CA LYS A 175 8.09 -20.12 -17.10
C LYS A 175 7.23 -20.09 -18.36
N ALA A 176 6.20 -19.22 -18.36
CA ALA A 176 5.25 -19.12 -19.46
C ALA A 176 5.79 -18.23 -20.58
N ASN A 177 6.89 -17.53 -20.31
CA ASN A 177 7.46 -16.57 -21.26
C ASN A 177 8.97 -16.68 -21.34
N ARG A 178 9.48 -17.87 -21.60
CA ARG A 178 10.93 -18.06 -21.58
C ARG A 178 11.62 -17.28 -22.68
N ALA A 179 12.76 -16.69 -22.33
CA ALA A 179 13.57 -15.95 -23.28
C ALA A 179 15.01 -16.01 -22.80
N ASP A 180 15.94 -16.08 -23.74
CA ASP A 180 17.35 -16.17 -23.38
C ASP A 180 17.81 -14.98 -22.54
N GLU A 181 17.18 -13.84 -22.74
CA GLU A 181 17.51 -12.62 -22.01
C GLU A 181 17.16 -12.67 -20.52
N VAL A 182 16.23 -13.53 -20.14
CA VAL A 182 15.69 -13.53 -18.78
C VAL A 182 16.30 -14.69 -18.00
N ALA A 183 17.18 -14.35 -17.07
CA ALA A 183 18.15 -15.31 -16.54
C ALA A 183 17.86 -15.83 -15.13
N GLY A 184 17.11 -15.09 -14.33
CA GLY A 184 16.89 -15.50 -12.96
C GLY A 184 16.09 -14.49 -12.19
N ILE A 185 15.96 -14.72 -10.89
CA ILE A 185 15.19 -13.83 -10.03
C ILE A 185 16.03 -13.19 -8.94
N GLY A 186 15.51 -12.09 -8.42
CA GLY A 186 16.07 -11.43 -7.26
C GLY A 186 14.95 -11.10 -6.26
N ILE A 187 15.29 -10.41 -5.17
CA ILE A 187 14.30 -9.93 -4.22
C ILE A 187 14.77 -8.59 -3.67
N ASP A 188 13.88 -7.60 -3.63
CA ASP A 188 14.24 -6.27 -3.17
C ASP A 188 13.04 -5.56 -2.53
N TYR A 189 13.12 -4.23 -2.44
CA TYR A 189 12.26 -3.38 -1.62
C TYR A 189 12.61 -3.50 -0.12
N ARG A 190 11.78 -2.98 0.79
CA ARG A 190 12.23 -2.81 2.17
C ARG A 190 12.44 -4.15 2.88
N GLU A 191 13.65 -4.40 3.37
CA GLU A 191 14.00 -5.69 3.96
C GLU A 191 13.42 -5.88 5.37
N ASN A 192 13.28 -4.77 6.10
CA ASN A 192 12.81 -4.83 7.48
C ASN A 192 11.52 -5.62 7.62
N ASP A 193 11.52 -6.59 8.53
CA ASP A 193 10.32 -7.39 8.83
C ASP A 193 9.79 -8.25 7.68
N ARG A 194 10.56 -8.36 6.60
CA ARG A 194 10.19 -9.20 5.45
C ARG A 194 11.36 -10.12 5.13
N PRO A 195 11.63 -11.09 6.00
CA PRO A 195 12.87 -11.85 5.89
C PRO A 195 12.87 -12.81 4.70
N PRO A 196 14.07 -13.19 4.23
CA PRO A 196 14.15 -13.96 2.99
C PRO A 196 13.45 -15.33 3.02
N GLU A 197 13.45 -15.99 4.17
CA GLU A 197 12.81 -17.30 4.27
C GLU A 197 11.30 -17.26 4.01
N LEU A 198 10.69 -16.08 4.15
CA LEU A 198 9.28 -15.94 3.83
C LEU A 198 8.98 -16.34 2.37
N PHE A 199 9.99 -16.19 1.53
CA PHE A 199 9.88 -16.36 0.07
C PHE A 199 10.52 -17.66 -0.42
N TRP A 200 10.59 -18.66 0.47
CA TRP A 200 11.21 -19.94 0.15
C TRP A 200 10.58 -20.59 -1.09
N LYS A 201 9.27 -20.47 -1.23
CA LYS A 201 8.59 -21.17 -2.32
C LYS A 201 8.99 -20.66 -3.70
N ALA A 202 9.07 -19.34 -3.85
CA ALA A 202 9.44 -18.76 -5.12
C ALA A 202 10.86 -19.14 -5.51
N TYR A 203 11.75 -19.17 -4.52
CA TYR A 203 13.14 -19.56 -4.79
C TYR A 203 13.25 -21.03 -5.19
N ARG A 204 12.53 -21.89 -4.48
CA ARG A 204 12.46 -23.31 -4.85
C ARG A 204 11.98 -23.46 -6.29
N ASP A 205 10.90 -22.75 -6.61
CA ASP A 205 10.31 -22.86 -7.95
C ASP A 205 11.27 -22.33 -9.01
N ALA A 206 11.95 -21.22 -8.74
CA ALA A 206 12.86 -20.64 -9.73
C ALA A 206 14.00 -21.60 -10.06
N ARG A 207 14.58 -22.17 -9.01
CA ARG A 207 15.70 -23.09 -9.18
C ARG A 207 15.21 -24.36 -9.89
N ALA A 208 14.03 -24.85 -9.54
CA ALA A 208 13.49 -26.04 -10.21
C ALA A 208 13.21 -25.79 -11.69
N ALA A 209 12.99 -24.53 -12.03
CA ALA A 209 12.71 -24.13 -13.42
C ALA A 209 14.01 -23.81 -14.18
N GLY A 210 15.15 -23.99 -13.51
CA GLY A 210 16.44 -23.77 -14.16
C GLY A 210 16.97 -22.36 -14.08
N PHE A 211 16.32 -21.49 -13.31
CA PHE A 211 16.77 -20.11 -13.19
C PHE A 211 17.84 -19.94 -12.13
N ARG A 212 18.73 -18.99 -12.35
CA ARG A 212 19.63 -18.54 -11.30
C ARG A 212 18.89 -17.63 -10.33
N THR A 213 19.44 -17.43 -9.15
CA THR A 213 18.81 -16.56 -8.17
C THR A 213 19.82 -15.69 -7.44
N THR A 214 19.35 -14.53 -7.03
CA THR A 214 20.12 -13.61 -6.20
C THR A 214 19.15 -13.02 -5.17
N ALA A 215 19.68 -12.30 -4.19
CA ALA A 215 18.82 -11.70 -3.16
C ALA A 215 19.49 -10.53 -2.47
N HIS A 216 18.72 -9.44 -2.27
CA HIS A 216 19.13 -8.37 -1.36
C HIS A 216 19.08 -8.95 0.07
N ALA A 217 20.17 -8.81 0.80
CA ALA A 217 20.23 -9.30 2.18
C ALA A 217 21.26 -8.52 2.98
N GLY A 218 20.94 -8.21 4.23
CA GLY A 218 21.88 -7.49 5.08
C GLY A 218 21.99 -6.01 4.79
N GLU A 219 20.96 -5.45 4.15
CA GLU A 219 20.82 -4.02 3.96
C GLU A 219 20.03 -3.43 5.13
N PHE A 220 20.08 -2.12 5.32
CA PHE A 220 19.35 -1.44 6.38
C PHE A 220 19.74 -1.91 7.79
N GLY A 221 20.93 -2.47 7.93
CA GLY A 221 21.36 -3.01 9.20
C GLY A 221 20.65 -4.29 9.59
N MET A 222 19.98 -4.94 8.65
CA MET A 222 19.28 -6.18 8.96
C MET A 222 20.28 -7.27 9.33
N PRO A 223 19.84 -8.26 10.13
CA PRO A 223 20.78 -9.24 10.69
C PRO A 223 21.57 -10.02 9.64
N TRP A 224 22.82 -10.36 9.95
CA TRP A 224 23.61 -11.23 9.08
C TRP A 224 22.92 -12.56 8.84
N ARG A 225 22.05 -12.94 9.78
N ARG A 225 22.02 -12.96 9.75
CA ARG A 225 21.18 -14.10 9.65
CA ARG A 225 21.21 -14.16 9.55
C ARG A 225 20.46 -14.15 8.30
C ARG A 225 20.51 -14.17 8.20
N ASN A 226 20.09 -12.99 7.75
CA ASN A 226 19.42 -12.92 6.45
C ASN A 226 20.35 -13.30 5.31
N VAL A 227 21.63 -12.95 5.44
CA VAL A 227 22.62 -13.36 4.45
C VAL A 227 22.78 -14.88 4.46
N GLU A 228 22.93 -15.42 5.66
CA GLU A 228 23.01 -16.88 5.83
C GLU A 228 21.80 -17.60 5.22
N THR A 229 20.61 -17.08 5.49
CA THR A 229 19.39 -17.68 4.95
C THR A 229 19.38 -17.62 3.40
N ALA A 230 19.76 -16.48 2.83
CA ALA A 230 19.81 -16.37 1.37
C ALA A 230 20.75 -17.40 0.76
N VAL A 231 21.94 -17.52 1.35
CA VAL A 231 22.95 -18.41 0.78
C VAL A 231 22.66 -19.88 1.05
N ASP A 232 22.24 -20.20 2.27
CA ASP A 232 22.15 -21.61 2.68
C ASP A 232 20.74 -22.20 2.73
N LEU A 233 19.71 -21.37 2.68
CA LEU A 233 18.35 -21.87 2.52
C LEU A 233 17.87 -21.64 1.09
N LEU A 234 17.93 -20.40 0.63
CA LEU A 234 17.45 -20.09 -0.72
C LEU A 234 18.42 -20.58 -1.79
N HIS A 235 19.68 -20.82 -1.40
CA HIS A 235 20.73 -21.29 -2.31
C HIS A 235 21.02 -20.30 -3.44
N VAL A 236 21.09 -19.01 -3.11
CA VAL A 236 21.35 -18.02 -4.15
C VAL A 236 22.72 -18.19 -4.78
N ASP A 237 22.83 -17.78 -6.03
CA ASP A 237 24.08 -17.83 -6.76
C ASP A 237 25.00 -16.67 -6.43
N ARG A 238 24.42 -15.54 -6.05
CA ARG A 238 25.21 -14.42 -5.55
C ARG A 238 24.34 -13.63 -4.59
N VAL A 239 24.95 -12.66 -3.90
CA VAL A 239 24.27 -11.87 -2.89
C VAL A 239 24.33 -10.39 -3.24
N ASP A 240 23.20 -9.69 -3.05
CA ASP A 240 23.15 -8.24 -3.19
C ASP A 240 23.27 -7.54 -1.83
N HIS A 241 24.28 -6.68 -1.75
CA HIS A 241 24.69 -5.95 -0.54
C HIS A 241 25.45 -6.86 0.41
N GLY A 242 24.76 -7.49 1.34
CA GLY A 242 25.38 -8.42 2.27
C GLY A 242 26.19 -7.82 3.39
N TYR A 243 26.05 -6.50 3.62
CA TYR A 243 27.01 -5.75 4.45
C TYR A 243 27.18 -6.28 5.86
N THR A 244 26.08 -6.65 6.50
CA THR A 244 26.16 -7.04 7.91
C THR A 244 26.87 -8.39 8.13
N ILE A 245 27.23 -9.07 7.05
N ILE A 245 27.20 -9.09 7.06
CA ILE A 245 27.99 -10.31 7.15
CA ILE A 245 27.97 -10.33 7.19
C ILE A 245 29.31 -10.09 7.87
C ILE A 245 29.31 -10.09 7.90
N VAL A 246 29.82 -8.85 7.85
CA VAL A 246 31.08 -8.54 8.52
C VAL A 246 30.98 -8.74 10.03
N ASP A 247 29.75 -8.79 10.55
CA ASP A 247 29.51 -9.04 11.97
C ASP A 247 29.84 -10.48 12.37
N ASN A 248 30.00 -11.36 11.37
CA ASN A 248 30.23 -12.78 11.62
C ASN A 248 31.44 -13.26 10.82
N PRO A 249 32.64 -13.08 11.37
CA PRO A 249 33.81 -13.51 10.60
C PRO A 249 33.85 -15.01 10.30
N GLU A 250 33.20 -15.84 11.12
CA GLU A 250 33.13 -17.27 10.82
C GLU A 250 32.37 -17.54 9.51
N LEU A 251 31.22 -16.90 9.34
CA LEU A 251 30.46 -17.06 8.11
C LEU A 251 31.21 -16.45 6.93
N CYS A 252 31.93 -15.35 7.18
CA CYS A 252 32.75 -14.74 6.15
C CYS A 252 33.77 -15.73 5.62
N ALA A 253 34.41 -16.47 6.53
CA ALA A 253 35.39 -17.48 6.11
C ALA A 253 34.76 -18.54 5.21
N ARG A 254 33.57 -19.00 5.57
CA ARG A 254 32.89 -20.03 4.78
C ARG A 254 32.53 -19.54 3.40
N TYR A 255 32.00 -18.32 3.33
CA TYR A 255 31.55 -17.82 2.04
C TYR A 255 32.71 -17.30 1.19
N ALA A 256 33.80 -16.87 1.83
CA ALA A 256 35.05 -16.60 1.13
C ALA A 256 35.55 -17.87 0.43
N GLU A 257 35.57 -18.99 1.16
CA GLU A 257 36.00 -20.25 0.58
C GLU A 257 35.13 -20.70 -0.59
N ARG A 258 33.83 -20.43 -0.51
CA ARG A 258 32.90 -20.82 -1.56
C ARG A 258 32.92 -19.85 -2.75
N GLY A 259 33.58 -18.71 -2.58
CA GLY A 259 33.70 -17.75 -3.68
C GLY A 259 32.42 -17.01 -4.05
N ILE A 260 31.51 -16.88 -3.08
CA ILE A 260 30.26 -16.17 -3.31
C ILE A 260 30.52 -14.70 -3.62
N VAL A 261 29.97 -14.21 -4.72
CA VAL A 261 30.14 -12.79 -5.08
C VAL A 261 29.05 -11.92 -4.44
N PHE A 262 29.48 -10.79 -3.87
CA PHE A 262 28.60 -9.82 -3.23
C PHE A 262 28.58 -8.56 -4.09
N THR A 263 27.40 -8.15 -4.55
CA THR A 263 27.31 -6.88 -5.27
C THR A 263 27.21 -5.80 -4.21
N VAL A 264 28.00 -4.74 -4.37
CA VAL A 264 28.03 -3.67 -3.37
C VAL A 264 27.79 -2.32 -4.03
N VAL A 265 27.31 -1.37 -3.23
CA VAL A 265 26.85 -0.08 -3.74
C VAL A 265 27.44 1.00 -2.86
N PRO A 266 28.50 1.67 -3.32
CA PRO A 266 29.10 2.72 -2.49
C PRO A 266 28.11 3.81 -2.09
N THR A 267 27.17 4.13 -2.97
CA THR A 267 26.17 5.14 -2.66
C THR A 267 24.95 4.62 -1.89
N ASN A 268 25.05 3.46 -1.24
CA ASN A 268 23.94 2.92 -0.46
C ASN A 268 23.32 3.98 0.44
N SER A 269 22.02 4.22 0.30
CA SER A 269 21.38 5.33 1.00
C SER A 269 21.37 5.14 2.51
N TYR A 270 21.14 3.91 2.95
CA TYR A 270 21.06 3.64 4.38
C TYR A 270 22.32 4.10 5.11
N TYR A 271 23.48 3.70 4.61
CA TYR A 271 24.72 4.09 5.30
C TYR A 271 25.02 5.57 5.19
N LEU A 272 24.69 6.19 4.06
CA LEU A 272 24.84 7.64 3.92
C LEU A 272 23.98 8.40 4.92
N ARG A 273 22.80 7.86 5.20
CA ARG A 273 21.83 8.52 6.06
C ARG A 273 22.15 8.30 7.54
N THR A 274 22.67 7.13 7.89
CA THR A 274 22.82 6.76 9.30
C THR A 274 24.21 7.00 9.90
N LEU A 275 25.24 7.02 9.07
CA LEU A 275 26.60 7.30 9.53
C LEU A 275 26.89 8.81 9.46
N PRO A 276 27.56 9.35 10.48
CA PRO A 276 27.95 10.77 10.43
C PRO A 276 28.86 11.00 9.23
N PRO A 277 28.75 12.16 8.57
CA PRO A 277 29.57 12.36 7.37
C PRO A 277 31.07 12.18 7.56
N ASP A 278 31.59 12.49 8.75
CA ASP A 278 33.02 12.32 9.02
C ASP A 278 33.43 10.88 9.26
N GLN A 279 32.45 9.97 9.32
CA GLN A 279 32.75 8.56 9.58
C GLN A 279 32.22 7.61 8.51
N TRP A 280 31.45 8.15 7.56
CA TRP A 280 30.81 7.31 6.54
C TRP A 280 31.79 6.43 5.77
N ALA A 281 32.81 7.02 5.18
CA ALA A 281 33.77 6.25 4.40
C ALA A 281 34.54 5.26 5.29
N GLU A 282 34.84 5.69 6.51
CA GLU A 282 35.62 4.88 7.44
C GLU A 282 34.87 3.65 7.98
N ARG A 283 33.57 3.83 8.23
CA ARG A 283 32.80 2.81 8.96
C ARG A 283 31.84 1.99 8.11
N HIS A 284 31.77 2.30 6.82
CA HIS A 284 30.97 1.50 5.91
C HIS A 284 31.48 0.06 5.89
N PRO A 285 30.61 -0.91 6.19
CA PRO A 285 31.08 -2.31 6.22
C PRO A 285 31.68 -2.78 4.90
N MET A 286 31.26 -2.21 3.77
N MET A 286 31.27 -2.20 3.79
CA MET A 286 31.84 -2.56 2.48
CA MET A 286 31.83 -2.58 2.50
C MET A 286 33.36 -2.46 2.49
C MET A 286 33.36 -2.45 2.48
N ARG A 287 33.88 -1.47 3.21
CA ARG A 287 35.32 -1.23 3.25
C ARG A 287 36.10 -2.43 3.78
N LYS A 288 35.46 -3.21 4.67
CA LYS A 288 36.10 -4.33 5.34
C LYS A 288 35.90 -5.66 4.63
N MET A 289 35.00 -5.71 3.66
CA MET A 289 34.62 -7.02 3.09
C MET A 289 35.76 -7.78 2.38
N PRO A 290 36.55 -7.10 1.52
CA PRO A 290 37.63 -7.83 0.85
C PRO A 290 38.68 -8.39 1.84
N GLY A 291 38.99 -7.63 2.89
CA GLY A 291 39.93 -8.08 3.90
C GLY A 291 39.44 -9.30 4.67
N LEU A 292 38.13 -9.54 4.63
CA LEU A 292 37.54 -10.72 5.23
C LEU A 292 37.46 -11.89 4.23
N GLY A 293 38.07 -11.69 3.07
CA GLY A 293 38.18 -12.73 2.06
C GLY A 293 37.04 -12.75 1.06
N LEU A 294 36.10 -11.83 1.19
CA LEU A 294 34.90 -11.83 0.33
C LEU A 294 35.17 -11.17 -1.01
N LYS A 295 34.57 -11.73 -2.05
CA LYS A 295 34.59 -11.15 -3.39
C LYS A 295 33.49 -10.13 -3.53
N ILE A 296 33.85 -8.86 -3.68
CA ILE A 296 32.86 -7.82 -3.91
C ILE A 296 32.98 -7.23 -5.31
N HIS A 297 31.92 -6.55 -5.73
CA HIS A 297 31.85 -5.95 -7.05
C HIS A 297 30.98 -4.71 -6.95
N PRO A 298 31.51 -3.53 -7.30
CA PRO A 298 30.78 -2.28 -7.11
C PRO A 298 29.79 -1.98 -8.24
N ASN A 299 28.68 -1.33 -7.90
CA ASN A 299 27.59 -1.08 -8.83
C ASN A 299 26.88 0.22 -8.46
N THR A 300 26.00 0.69 -9.36
CA THR A 300 25.29 1.96 -9.16
C THR A 300 23.96 1.86 -8.42
N ASP A 301 23.27 0.72 -8.52
CA ASP A 301 21.96 0.47 -7.87
C ASP A 301 20.82 1.28 -8.51
N ASP A 302 20.84 2.59 -8.30
CA ASP A 302 19.83 3.49 -8.87
C ASP A 302 20.58 4.69 -9.44
N PRO A 303 21.21 4.51 -10.62
CA PRO A 303 22.19 5.49 -11.10
C PRO A 303 21.65 6.91 -11.27
N THR A 304 20.43 7.06 -11.78
CA THR A 304 19.95 8.42 -12.02
C THR A 304 19.40 9.08 -10.75
N LEU A 305 18.95 8.26 -9.80
CA LEU A 305 18.41 8.79 -8.55
C LEU A 305 19.51 9.01 -7.50
N HIS A 306 20.54 8.17 -7.54
CA HIS A 306 21.70 8.32 -6.66
C HIS A 306 22.72 9.31 -7.24
N LYS A 307 22.50 9.73 -8.48
CA LYS A 307 23.44 10.60 -9.19
C LYS A 307 24.83 9.99 -9.26
N VAL A 308 24.89 8.73 -9.67
CA VAL A 308 26.16 8.03 -9.82
C VAL A 308 26.14 7.16 -11.08
N ASN A 309 27.12 7.36 -11.96
CA ASN A 309 27.25 6.51 -13.14
C ASN A 309 28.29 5.41 -12.87
N PRO A 310 28.43 4.41 -13.77
CA PRO A 310 29.35 3.30 -13.48
C PRO A 310 30.80 3.78 -13.27
N SER A 311 31.29 4.73 -14.06
CA SER A 311 32.65 5.25 -13.87
C SER A 311 32.84 5.87 -12.49
N GLU A 312 31.80 6.54 -12.00
CA GLU A 312 31.84 7.17 -10.68
C GLU A 312 31.78 6.15 -9.54
N ALA A 313 31.00 5.08 -9.73
CA ALA A 313 30.94 4.05 -8.71
C ALA A 313 32.31 3.41 -8.48
N TRP A 314 33.00 3.12 -9.58
CA TRP A 314 34.36 2.61 -9.53
C TRP A 314 35.32 3.63 -8.89
N GLU A 315 35.19 4.90 -9.29
CA GLU A 315 36.01 5.96 -8.71
C GLU A 315 35.91 6.01 -7.18
N LEU A 316 34.68 5.93 -6.66
CA LEU A 316 34.47 5.99 -5.21
C LEU A 316 35.22 4.91 -4.44
N MET A 317 35.32 3.72 -5.00
CA MET A 317 36.06 2.64 -4.34
C MET A 317 37.52 3.04 -4.10
N PHE A 318 38.09 3.75 -5.07
CA PHE A 318 39.46 4.24 -5.02
C PHE A 318 39.58 5.53 -4.20
N SER A 319 38.68 6.48 -4.40
CA SER A 319 38.85 7.80 -3.79
C SER A 319 38.47 7.83 -2.32
N HIS A 320 37.49 7.03 -1.93
CA HIS A 320 36.95 7.10 -0.57
C HIS A 320 37.17 5.85 0.27
N PHE A 321 37.23 4.69 -0.35
CA PHE A 321 37.21 3.44 0.40
C PHE A 321 38.56 2.72 0.51
N GLY A 322 39.62 3.38 0.06
CA GLY A 322 40.97 2.89 0.26
C GLY A 322 41.40 1.73 -0.61
N PHE A 323 40.65 1.44 -1.66
CA PHE A 323 41.01 0.32 -2.52
C PHE A 323 42.01 0.76 -3.58
N THR A 324 43.02 -0.08 -3.79
CA THR A 324 44.07 0.23 -4.73
C THR A 324 43.70 -0.17 -6.16
N ILE A 325 44.53 0.25 -7.11
CA ILE A 325 44.36 -0.17 -8.49
C ILE A 325 44.31 -1.71 -8.59
N ALA A 326 45.22 -2.38 -7.89
CA ALA A 326 45.22 -3.84 -7.85
C ALA A 326 43.93 -4.41 -7.29
N ASP A 327 43.39 -3.81 -6.24
CA ASP A 327 42.09 -4.22 -5.71
C ASP A 327 40.99 -4.09 -6.78
N LEU A 328 41.00 -2.98 -7.52
CA LEU A 328 40.02 -2.76 -8.57
C LEU A 328 40.11 -3.84 -9.67
N LYS A 329 41.32 -4.27 -10.00
CA LYS A 329 41.46 -5.38 -10.95
C LYS A 329 40.74 -6.63 -10.44
N GLN A 330 40.92 -6.93 -9.16
CA GLN A 330 40.22 -8.06 -8.55
C GLN A 330 38.71 -7.87 -8.59
N PHE A 331 38.23 -6.66 -8.32
CA PHE A 331 36.79 -6.41 -8.39
C PHE A 331 36.24 -6.66 -9.80
N MET A 332 37.01 -6.28 -10.82
CA MET A 332 36.66 -6.56 -12.20
C MET A 332 36.53 -8.07 -12.44
N LEU A 333 37.51 -8.82 -11.96
CA LEU A 333 37.46 -10.27 -12.08
C LEU A 333 36.29 -10.87 -11.30
N ASN A 334 35.98 -10.30 -10.14
CA ASN A 334 34.82 -10.74 -9.37
C ASN A 334 33.51 -10.57 -10.14
N GLY A 335 33.39 -9.45 -10.83
CA GLY A 335 32.22 -9.23 -11.67
C GLY A 335 32.07 -10.27 -12.77
N ILE A 336 33.18 -10.68 -13.37
CA ILE A 336 33.16 -11.75 -14.36
C ILE A 336 32.70 -13.06 -13.71
N ASP A 337 33.28 -13.39 -12.56
CA ASP A 337 32.90 -14.61 -11.85
C ASP A 337 31.43 -14.62 -11.46
N GLY A 338 30.91 -13.47 -11.06
CA GLY A 338 29.54 -13.39 -10.59
C GLY A 338 28.48 -13.32 -11.67
N ALA A 339 28.87 -12.99 -12.89
CA ALA A 339 27.91 -12.80 -13.98
C ALA A 339 27.18 -14.09 -14.34
N TRP A 340 25.96 -13.92 -14.85
CA TRP A 340 25.13 -15.04 -15.23
C TRP A 340 25.28 -15.32 -16.72
N VAL A 341 26.49 -15.75 -17.07
CA VAL A 341 26.85 -16.14 -18.43
C VAL A 341 27.59 -17.46 -18.35
N ASP A 342 27.81 -18.12 -19.48
CA ASP A 342 28.46 -19.42 -19.41
C ASP A 342 29.97 -19.35 -19.18
N ASP A 343 30.58 -20.50 -18.88
CA ASP A 343 31.99 -20.56 -18.54
C ASP A 343 32.89 -20.07 -19.67
N ASP A 344 32.52 -20.38 -20.92
CA ASP A 344 33.33 -19.96 -22.06
C ASP A 344 33.41 -18.45 -22.15
N THR A 345 32.26 -17.81 -21.92
CA THR A 345 32.18 -16.36 -21.93
C THR A 345 33.04 -15.77 -20.81
N LYS A 346 32.96 -16.35 -19.61
CA LYS A 346 33.77 -15.87 -18.50
C LYS A 346 35.25 -16.00 -18.80
N ALA A 347 35.65 -17.13 -19.38
CA ALA A 347 37.05 -17.36 -19.68
C ALA A 347 37.56 -16.36 -20.71
N ALA A 348 36.74 -16.09 -21.72
CA ALA A 348 37.10 -15.11 -22.74
C ALA A 348 37.26 -13.72 -22.11
N TRP A 349 36.33 -13.32 -21.25
CA TRP A 349 36.43 -12.02 -20.62
C TRP A 349 37.68 -11.92 -19.75
N ARG A 350 37.99 -12.97 -19.00
CA ARG A 350 39.20 -12.91 -18.19
C ARG A 350 40.43 -12.74 -19.04
N ALA A 351 40.52 -13.53 -20.12
CA ALA A 351 41.69 -13.49 -20.98
C ALA A 351 41.86 -12.16 -21.70
N ALA A 352 40.75 -11.49 -22.02
CA ALA A 352 40.81 -10.23 -22.77
C ALA A 352 40.85 -9.00 -21.86
N TRP A 353 40.01 -8.98 -20.84
CA TRP A 353 39.90 -7.77 -20.02
C TRP A 353 41.07 -7.56 -19.07
N ALA A 354 41.69 -8.64 -18.61
CA ALA A 354 42.84 -8.49 -17.72
C ALA A 354 43.99 -7.74 -18.39
N PRO A 355 44.39 -8.14 -19.61
CA PRO A 355 45.43 -7.35 -20.30
C PRO A 355 44.97 -5.93 -20.63
N GLU A 356 43.68 -5.78 -20.89
N GLU A 356 43.68 -5.75 -20.93
CA GLU A 356 43.11 -4.47 -21.17
CA GLU A 356 43.18 -4.40 -21.17
C GLU A 356 43.29 -3.56 -19.96
C GLU A 356 43.35 -3.54 -19.93
N PHE A 357 42.95 -4.10 -18.78
CA PHE A 357 43.11 -3.40 -17.51
C PHE A 357 44.58 -3.01 -17.28
N ASP A 358 45.46 -3.97 -17.50
CA ASP A 358 46.89 -3.75 -17.28
C ASP A 358 47.40 -2.57 -18.11
N MET A 359 46.97 -2.49 -19.36
CA MET A 359 47.36 -1.36 -20.21
C MET A 359 46.80 -0.04 -19.68
N LEU A 360 45.55 -0.03 -19.24
CA LEU A 360 44.95 1.19 -18.70
C LEU A 360 45.69 1.65 -17.46
N ALA A 361 46.11 0.71 -16.62
CA ALA A 361 46.90 1.05 -15.43
C ALA A 361 48.24 1.69 -15.78
N ASP A 362 48.94 1.14 -16.78
CA ASP A 362 50.19 1.75 -17.24
C ASP A 362 49.96 3.13 -17.84
N THR A 363 48.84 3.31 -18.53
CA THR A 363 48.53 4.60 -19.15
C THR A 363 48.17 5.65 -18.10
N LEU A 364 47.55 5.20 -17.00
CA LEU A 364 47.31 6.09 -15.87
C LEU A 364 48.64 6.65 -15.36
N ALA A 365 49.64 5.80 -15.22
CA ALA A 365 50.96 6.25 -14.80
C ALA A 365 51.56 7.24 -15.82
N ALA A 366 51.41 6.94 -17.11
CA ALA A 366 51.94 7.82 -18.14
C ALA A 366 51.21 9.16 -18.17
N ASP A 367 49.90 9.13 -18.00
CA ASP A 367 49.11 10.36 -17.99
C ASP A 367 49.51 11.25 -16.82
N LYS A 368 49.69 10.65 -15.65
CA LYS A 368 50.16 11.39 -14.48
C LYS A 368 51.51 12.06 -14.72
N LEU A 369 52.45 11.31 -15.31
CA LEU A 369 53.76 11.86 -15.63
C LEU A 369 53.65 13.04 -16.61
N ALA A 370 52.75 12.91 -17.57
CA ALA A 370 52.56 13.95 -18.59
C ALA A 370 51.92 15.21 -18.00
N ALA A 371 51.00 15.02 -17.07
CA ALA A 371 50.38 16.15 -16.37
C ALA A 371 51.44 16.89 -15.54
N ALA A 372 52.33 16.14 -14.92
CA ALA A 372 53.44 16.72 -14.15
C ALA A 372 54.39 17.48 -15.07
N GLY B 4 -14.43 25.51 11.61
CA GLY B 4 -15.51 24.60 11.96
C GLY B 4 -15.13 23.14 11.77
N THR B 5 -15.49 22.31 12.74
CA THR B 5 -15.06 20.91 12.77
C THR B 5 -15.96 20.02 11.94
N PRO B 6 -15.43 18.88 11.47
CA PRO B 6 -16.29 17.90 10.81
C PRO B 6 -17.41 17.48 11.75
N GLY B 7 -18.64 17.47 11.26
CA GLY B 7 -19.79 17.04 12.04
C GLY B 7 -20.15 17.96 13.21
N ASN B 8 -19.55 19.15 13.23
N ASN B 8 -19.54 19.14 13.23
CA ASN B 8 -19.72 20.10 14.33
CA ASN B 8 -19.72 20.08 14.33
C ASN B 8 -19.44 19.48 15.70
C ASN B 8 -19.45 19.45 15.70
N VAL B 9 -18.45 18.58 15.75
CA VAL B 9 -18.04 17.94 17.01
C VAL B 9 -17.16 18.94 17.79
N PRO B 10 -16.92 18.67 19.09
CA PRO B 10 -16.07 19.57 19.86
C PRO B 10 -14.68 19.76 19.24
N ALA B 11 -14.08 20.92 19.50
CA ALA B 11 -12.74 21.18 19.00
C ALA B 11 -11.76 20.13 19.51
N ALA B 12 -10.79 19.77 18.68
CA ALA B 12 -9.78 18.81 19.07
C ALA B 12 -8.96 19.34 20.24
N ARG B 13 -8.57 18.44 21.14
CA ARG B 13 -7.73 18.79 22.27
C ARG B 13 -6.36 18.11 22.16
N THR B 14 -6.03 17.69 20.94
CA THR B 14 -4.82 16.90 20.71
C THR B 14 -3.64 17.75 20.26
N GLY B 15 -3.90 19.00 19.87
CA GLY B 15 -2.85 19.85 19.35
C GLY B 15 -2.52 19.58 17.89
N ILE B 16 -3.24 18.65 17.27
CA ILE B 16 -2.97 18.28 15.88
C ILE B 16 -3.50 19.30 14.89
N GLU B 17 -2.59 19.80 14.04
CA GLU B 17 -2.96 20.66 12.93
C GLU B 17 -3.41 19.81 11.74
N ILE B 18 -4.64 20.02 11.29
CA ILE B 18 -5.08 19.40 10.04
C ILE B 18 -4.76 20.35 8.89
N THR B 19 -3.87 19.92 8.01
CA THR B 19 -3.46 20.74 6.87
C THR B 19 -4.12 20.25 5.59
N ALA B 20 -3.90 20.98 4.51
CA ALA B 20 -4.39 20.58 3.20
C ALA B 20 -3.86 19.20 2.82
N ALA B 21 -2.59 18.94 3.14
CA ALA B 21 -2.01 17.62 2.89
C ALA B 21 -2.75 16.51 3.63
N HIS B 22 -3.10 16.76 4.90
CA HIS B 22 -3.89 15.79 5.66
C HIS B 22 -5.24 15.54 4.99
N ARG B 23 -5.92 16.61 4.59
CA ARG B 23 -7.23 16.47 3.97
C ARG B 23 -7.15 15.71 2.65
N ALA B 24 -6.09 15.96 1.89
CA ALA B 24 -5.87 15.20 0.66
C ALA B 24 -5.66 13.72 0.96
N PHE B 25 -4.93 13.42 2.03
CA PHE B 25 -4.69 12.04 2.43
C PHE B 25 -6.00 11.34 2.82
N PHE B 26 -6.78 11.95 3.70
CA PHE B 26 -8.03 11.34 4.14
C PHE B 26 -9.00 11.13 2.97
N HIS B 27 -9.01 12.07 2.04
CA HIS B 27 -9.86 11.95 0.86
C HIS B 27 -9.42 10.81 -0.05
N ALA B 28 -8.12 10.69 -0.27
CA ALA B 28 -7.57 9.69 -1.21
C ALA B 28 -7.64 8.25 -0.68
N LEU B 29 -7.61 8.11 0.63
CA LEU B 29 -7.70 6.83 1.32
C LEU B 29 -8.78 5.93 0.70
N PRO B 30 -8.42 4.73 0.17
CA PRO B 30 -9.52 3.86 -0.27
C PRO B 30 -10.31 3.35 0.94
N LYS B 31 -11.63 3.27 0.79
CA LYS B 31 -12.50 2.97 1.92
C LYS B 31 -13.56 1.96 1.59
N VAL B 32 -13.98 1.23 2.61
N VAL B 32 -13.97 1.18 2.58
CA VAL B 32 -15.26 0.53 2.59
CA VAL B 32 -15.29 0.57 2.56
C VAL B 32 -16.14 1.23 3.62
C VAL B 32 -16.15 1.30 3.59
N GLU B 33 -17.45 1.28 3.38
CA GLU B 33 -18.38 1.77 4.38
C GLU B 33 -19.30 0.61 4.72
N LEU B 34 -19.40 0.29 6.02
CA LEU B 34 -20.20 -0.84 6.49
C LEU B 34 -21.34 -0.40 7.40
N HIS B 35 -21.46 0.88 7.70
CA HIS B 35 -22.49 1.35 8.62
C HIS B 35 -23.02 2.68 8.13
N CYS B 36 -24.10 2.63 7.36
CA CYS B 36 -24.73 3.82 6.84
C CYS B 36 -26.19 3.53 6.55
N HIS B 37 -27.07 4.38 7.04
CA HIS B 37 -28.50 4.22 6.78
C HIS B 37 -28.89 5.02 5.55
N LEU B 38 -29.49 4.35 4.58
CA LEU B 38 -30.00 4.98 3.37
C LEU B 38 -30.75 6.28 3.66
N LEU B 39 -31.69 6.21 4.60
CA LEU B 39 -32.54 7.36 4.89
C LEU B 39 -31.82 8.44 5.72
N GLY B 40 -30.61 8.12 6.20
CA GLY B 40 -29.77 9.12 6.84
C GLY B 40 -28.73 9.72 5.90
N ALA B 41 -28.86 9.40 4.61
CA ALA B 41 -27.95 9.87 3.56
C ALA B 41 -28.66 10.66 2.47
N VAL B 42 -29.88 11.14 2.75
CA VAL B 42 -30.63 11.90 1.77
C VAL B 42 -30.11 13.33 1.70
N ARG B 43 -29.78 13.78 0.51
CA ARG B 43 -29.29 15.15 0.34
C ARG B 43 -30.39 16.13 0.72
N HIS B 44 -30.00 17.22 1.39
CA HIS B 44 -30.94 18.27 1.75
C HIS B 44 -31.87 18.66 0.59
N ASP B 45 -31.30 18.93 -0.58
CA ASP B 45 -32.11 19.42 -1.68
C ASP B 45 -33.05 18.35 -2.23
N THR B 46 -32.66 17.09 -2.09
CA THR B 46 -33.53 15.98 -2.48
C THR B 46 -34.68 15.83 -1.48
N PHE B 47 -34.38 16.00 -0.20
CA PHE B 47 -35.41 16.02 0.85
C PHE B 47 -36.45 17.11 0.52
N VAL B 48 -35.98 18.31 0.23
CA VAL B 48 -36.87 19.41 -0.16
C VAL B 48 -37.73 19.05 -1.35
N ALA B 49 -37.12 18.48 -2.40
CA ALA B 49 -37.85 18.15 -3.61
C ALA B 49 -38.95 17.12 -3.34
N LEU B 50 -38.63 16.07 -2.59
CA LEU B 50 -39.62 15.06 -2.25
C LEU B 50 -40.75 15.62 -1.36
N ALA B 51 -40.39 16.46 -0.41
CA ALA B 51 -41.40 17.03 0.48
C ALA B 51 -42.37 17.88 -0.33
N GLN B 52 -41.85 18.68 -1.24
CA GLN B 52 -42.70 19.56 -2.03
C GLN B 52 -43.58 18.80 -3.00
N ARG B 53 -43.05 17.73 -3.60
CA ARG B 53 -43.82 16.95 -4.56
C ARG B 53 -45.11 16.38 -3.98
N SER B 54 -45.05 15.95 -2.72
CA SER B 54 -46.22 15.37 -2.07
C SER B 54 -46.99 16.39 -1.22
N GLY B 55 -46.51 17.62 -1.17
CA GLY B 55 -47.16 18.62 -0.34
C GLY B 55 -47.12 18.21 1.13
N ALA B 56 -46.00 17.62 1.53
CA ALA B 56 -45.80 17.17 2.90
C ALA B 56 -46.04 18.31 3.88
N PRO B 57 -46.61 18.00 5.06
CA PRO B 57 -46.91 19.03 6.05
C PRO B 57 -45.66 19.36 6.87
N ILE B 58 -44.61 19.75 6.15
CA ILE B 58 -43.32 20.05 6.74
C ILE B 58 -42.82 21.36 6.12
N GLU B 59 -42.63 22.38 6.96
CA GLU B 59 -42.22 23.69 6.46
C GLU B 59 -40.70 23.80 6.28
N ARG B 60 -40.26 24.81 5.53
CA ARG B 60 -38.83 25.01 5.26
C ARG B 60 -38.01 25.06 6.56
N ALA B 61 -38.53 25.74 7.57
CA ALA B 61 -37.84 25.84 8.84
C ALA B 61 -37.70 24.46 9.49
N GLU B 62 -38.70 23.61 9.30
CA GLU B 62 -38.67 22.27 9.88
C GLU B 62 -37.65 21.39 9.17
N ILE B 63 -37.53 21.55 7.85
CA ILE B 63 -36.51 20.81 7.10
C ILE B 63 -35.12 21.28 7.52
N ASP B 64 -34.93 22.58 7.68
N ASP B 64 -34.97 22.60 7.63
CA ASP B 64 -33.63 23.07 8.11
CA ASP B 64 -33.76 23.22 8.18
C ASP B 64 -33.30 22.62 9.54
C ASP B 64 -33.35 22.53 9.46
N ALA B 65 -34.33 22.37 10.35
CA ALA B 65 -34.09 21.81 11.68
C ALA B 65 -33.69 20.33 11.62
N PHE B 66 -34.23 19.60 10.64
CA PHE B 66 -33.82 18.20 10.42
C PHE B 66 -32.33 18.15 10.09
N TYR B 67 -31.84 19.18 9.39
CA TYR B 67 -30.46 19.20 8.90
C TYR B 67 -29.53 20.05 9.78
N ALA B 68 -30.08 20.54 10.89
CA ALA B 68 -29.32 21.35 11.84
C ALA B 68 -28.64 20.44 12.86
N ARG B 69 -27.31 20.40 12.81
CA ARG B 69 -26.52 19.52 13.66
C ARG B 69 -25.90 20.33 14.80
N GLY B 70 -26.55 20.31 15.97
CA GLY B 70 -26.13 21.10 17.11
C GLY B 70 -24.94 20.55 17.88
N GLU B 71 -24.43 21.35 18.82
CA GLU B 71 -23.27 20.96 19.62
C GLU B 71 -23.58 19.82 20.59
N LYS B 72 -24.80 19.83 21.12
CA LYS B 72 -25.33 18.70 21.89
C LYS B 72 -26.48 18.17 21.04
N PRO B 73 -26.16 17.33 20.05
CA PRO B 73 -27.13 17.07 19.00
C PRO B 73 -28.28 16.15 19.41
N VAL B 74 -29.45 16.44 18.86
N VAL B 74 -29.45 16.43 18.85
CA VAL B 74 -30.59 15.54 19.02
CA VAL B 74 -30.62 15.57 19.01
C VAL B 74 -30.39 14.35 18.08
C VAL B 74 -30.45 14.38 18.06
N GLY B 75 -30.89 13.19 18.48
CA GLY B 75 -30.85 12.02 17.63
C GLY B 75 -31.68 12.28 16.38
N VAL B 76 -31.33 11.61 15.28
CA VAL B 76 -31.94 11.94 14.01
C VAL B 76 -32.95 10.90 13.54
N LEU B 77 -33.29 9.95 14.40
CA LEU B 77 -34.25 8.91 14.01
C LEU B 77 -35.57 9.50 13.50
N HIS B 78 -36.01 10.60 14.12
CA HIS B 78 -37.25 11.24 13.70
C HIS B 78 -37.22 11.75 12.25
N VAL B 79 -36.02 12.02 11.72
CA VAL B 79 -35.90 12.42 10.32
C VAL B 79 -36.19 11.23 9.40
N LEU B 80 -35.63 10.07 9.75
CA LEU B 80 -35.91 8.85 8.98
C LEU B 80 -37.41 8.55 9.00
N ARG B 81 -38.04 8.74 10.16
CA ARG B 81 -39.48 8.51 10.30
C ARG B 81 -40.28 9.44 9.40
N ALA B 82 -39.86 10.71 9.32
CA ALA B 82 -40.51 11.68 8.44
C ALA B 82 -40.42 11.27 6.97
N LEU B 83 -39.26 10.75 6.57
CA LEU B 83 -39.10 10.24 5.21
C LEU B 83 -40.10 9.14 4.90
N ASP B 84 -40.20 8.13 5.77
CA ASP B 84 -41.17 7.05 5.55
C ASP B 84 -42.58 7.58 5.45
N ARG B 85 -42.95 8.47 6.36
CA ARG B 85 -44.36 8.83 6.50
C ARG B 85 -44.85 9.86 5.48
N TYR B 86 -43.97 10.76 5.05
CA TYR B 86 -44.42 11.90 4.26
C TYR B 86 -43.73 12.11 2.92
N LEU B 87 -42.56 11.50 2.71
CA LEU B 87 -41.75 11.83 1.53
C LEU B 87 -41.58 10.70 0.52
N LEU B 88 -41.29 9.51 1.01
CA LEU B 88 -41.01 8.38 0.13
C LEU B 88 -42.32 7.72 -0.22
N THR B 89 -42.79 7.94 -1.45
CA THR B 89 -44.09 7.45 -1.88
C THR B 89 -44.06 6.58 -3.13
N ARG B 90 -42.93 6.57 -3.83
CA ARG B 90 -42.77 5.84 -5.09
C ARG B 90 -41.50 5.01 -5.02
N PRO B 91 -41.50 3.81 -5.64
CA PRO B 91 -40.25 3.05 -5.67
C PRO B 91 -39.09 3.85 -6.24
N ASP B 92 -39.34 4.68 -7.26
CA ASP B 92 -38.26 5.45 -7.86
C ASP B 92 -37.57 6.37 -6.85
N ASP B 93 -38.30 6.80 -5.83
CA ASP B 93 -37.69 7.63 -4.78
C ASP B 93 -36.56 6.89 -4.07
N LEU B 94 -36.75 5.59 -3.85
CA LEU B 94 -35.75 4.74 -3.21
C LEU B 94 -34.56 4.50 -4.15
N ARG B 95 -34.84 4.29 -5.44
CA ARG B 95 -33.78 4.22 -6.43
C ARG B 95 -32.94 5.49 -6.38
N ARG B 96 -33.61 6.65 -6.40
CA ARG B 96 -32.91 7.93 -6.40
C ARG B 96 -32.00 8.11 -5.18
N ILE B 97 -32.52 7.85 -3.99
CA ILE B 97 -31.70 8.09 -2.81
C ILE B 97 -30.56 7.08 -2.67
N ALA B 98 -30.77 5.84 -3.12
CA ALA B 98 -29.67 4.88 -3.17
C ALA B 98 -28.55 5.33 -4.12
N TYR B 99 -28.95 5.72 -5.32
CA TYR B 99 -28.00 6.21 -6.33
C TYR B 99 -27.23 7.44 -5.83
N GLU B 100 -27.95 8.39 -5.24
CA GLU B 100 -27.32 9.63 -4.78
C GLU B 100 -26.37 9.40 -3.61
N TYR B 101 -26.73 8.49 -2.71
CA TYR B 101 -25.85 8.11 -1.60
C TYR B 101 -24.56 7.49 -2.15
N LEU B 102 -24.71 6.54 -3.06
CA LEU B 102 -23.56 5.83 -3.60
C LEU B 102 -22.67 6.77 -4.40
N GLU B 103 -23.27 7.73 -5.12
CA GLU B 103 -22.50 8.76 -5.80
C GLU B 103 -21.67 9.56 -4.80
N ASP B 104 -22.29 9.99 -3.71
CA ASP B 104 -21.59 10.78 -2.70
C ASP B 104 -20.48 9.99 -2.00
N ALA B 105 -20.73 8.71 -1.74
CA ALA B 105 -19.72 7.84 -1.15
C ALA B 105 -18.54 7.63 -2.12
N ALA B 106 -18.84 7.39 -3.39
CA ALA B 106 -17.79 7.16 -4.39
C ALA B 106 -16.88 8.39 -4.53
N ALA B 107 -17.46 9.56 -4.37
CA ALA B 107 -16.71 10.81 -4.48
C ALA B 107 -15.64 10.92 -3.40
N HIS B 108 -15.80 10.15 -2.32
CA HIS B 108 -14.82 10.10 -1.22
C HIS B 108 -14.03 8.81 -1.23
N ASN B 109 -13.98 8.16 -2.38
CA ASN B 109 -13.19 6.95 -2.57
C ASN B 109 -13.66 5.76 -1.72
N VAL B 110 -14.94 5.76 -1.39
CA VAL B 110 -15.57 4.52 -0.94
C VAL B 110 -15.72 3.63 -2.17
N ARG B 111 -15.11 2.45 -2.12
CA ARG B 111 -15.13 1.52 -3.26
C ARG B 111 -16.18 0.43 -3.09
N HIS B 112 -16.66 0.26 -1.86
CA HIS B 112 -17.64 -0.75 -1.51
C HIS B 112 -18.44 -0.22 -0.34
N ALA B 113 -19.76 -0.15 -0.50
CA ALA B 113 -20.64 0.36 0.56
C ALA B 113 -21.75 -0.63 0.86
N GLU B 114 -21.91 -0.98 2.12
CA GLU B 114 -23.03 -1.83 2.55
C GLU B 114 -23.90 -0.96 3.41
N PHE B 115 -25.16 -0.78 3.02
CA PHE B 115 -26.04 0.19 3.67
C PHE B 115 -27.37 -0.39 4.13
N PHE B 116 -27.94 0.23 5.16
CA PHE B 116 -29.14 -0.26 5.84
C PHE B 116 -30.41 0.42 5.31
N TRP B 117 -31.47 -0.37 5.18
CA TRP B 117 -32.80 0.12 4.81
C TRP B 117 -33.82 -0.67 5.60
N ASN B 118 -34.78 0.03 6.22
CA ASN B 118 -35.84 -0.63 6.99
C ASN B 118 -37.09 -0.87 6.13
N PRO B 119 -37.35 -2.12 5.76
CA PRO B 119 -38.53 -2.38 4.93
C PRO B 119 -39.87 -2.18 5.64
N THR B 120 -39.89 -2.29 6.97
CA THR B 120 -41.14 -2.20 7.70
C THR B 120 -41.83 -0.86 7.45
N GLY B 121 -41.09 0.23 7.64
CA GLY B 121 -41.65 1.56 7.38
C GLY B 121 -42.07 1.72 5.94
N THR B 122 -41.25 1.24 5.02
CA THR B 122 -41.55 1.38 3.61
C THR B 122 -42.83 0.65 3.21
N VAL B 123 -42.98 -0.60 3.66
CA VAL B 123 -44.16 -1.37 3.30
C VAL B 123 -45.39 -0.92 4.08
N ARG B 124 -45.26 -0.80 5.39
CA ARG B 124 -46.43 -0.55 6.24
C ARG B 124 -46.88 0.91 6.27
N VAL B 125 -45.93 1.82 6.16
CA VAL B 125 -46.23 3.25 6.26
C VAL B 125 -46.22 3.94 4.90
N SER B 126 -45.13 3.79 4.14
CA SER B 126 -45.08 4.42 2.82
C SER B 126 -46.02 3.77 1.83
N GLY B 127 -46.37 2.50 2.05
CA GLY B 127 -47.27 1.78 1.16
C GLY B 127 -46.64 1.31 -0.13
N ILE B 128 -45.34 1.07 -0.10
CA ILE B 128 -44.62 0.52 -1.25
C ILE B 128 -44.32 -0.96 -0.98
N PRO B 129 -44.89 -1.87 -1.79
CA PRO B 129 -44.65 -3.31 -1.57
C PRO B 129 -43.16 -3.66 -1.58
N TYR B 130 -42.79 -4.65 -0.79
CA TYR B 130 -41.40 -5.04 -0.65
C TYR B 130 -40.72 -5.28 -2.00
N ALA B 131 -41.36 -6.05 -2.87
CA ALA B 131 -40.72 -6.45 -4.12
C ALA B 131 -40.37 -5.21 -4.95
N ASP B 132 -41.28 -4.23 -4.98
CA ASP B 132 -41.08 -3.01 -5.75
C ASP B 132 -39.95 -2.18 -5.15
N ALA B 133 -39.93 -2.09 -3.82
CA ALA B 133 -38.94 -1.28 -3.14
C ALA B 133 -37.55 -1.87 -3.30
N GLN B 134 -37.41 -3.16 -3.06
CA GLN B 134 -36.10 -3.79 -3.20
C GLN B 134 -35.58 -3.68 -4.63
N ALA B 135 -36.45 -3.92 -5.60
CA ALA B 135 -36.04 -3.85 -6.99
C ALA B 135 -35.54 -2.45 -7.34
N ALA B 136 -36.21 -1.43 -6.82
CA ALA B 136 -35.82 -0.05 -7.12
C ALA B 136 -34.46 0.28 -6.49
N ILE B 137 -34.26 -0.13 -5.25
CA ILE B 137 -32.97 0.09 -4.61
C ILE B 137 -31.85 -0.60 -5.37
N VAL B 138 -32.10 -1.85 -5.78
CA VAL B 138 -31.12 -2.60 -6.55
C VAL B 138 -30.78 -1.92 -7.88
N THR B 139 -31.79 -1.38 -8.56
CA THR B 139 -31.53 -0.59 -9.76
C THR B 139 -30.60 0.59 -9.46
N GLY B 140 -30.87 1.31 -8.38
CA GLY B 140 -29.99 2.40 -8.00
C GLY B 140 -28.56 1.96 -7.76
N MET B 141 -28.40 0.80 -7.12
CA MET B 141 -27.08 0.21 -6.90
C MET B 141 -26.37 -0.15 -8.19
N ARG B 142 -27.09 -0.80 -9.09
CA ARG B 142 -26.49 -1.20 -10.37
C ARG B 142 -26.11 0.02 -11.21
N ASP B 143 -26.97 1.04 -11.21
CA ASP B 143 -26.67 2.28 -11.92
C ASP B 143 -25.43 2.97 -11.33
N ALA B 144 -25.29 2.95 -9.99
CA ALA B 144 -24.14 3.58 -9.35
C ALA B 144 -22.84 2.82 -9.62
N ALA B 145 -22.91 1.49 -9.66
CA ALA B 145 -21.75 0.69 -10.05
C ALA B 145 -21.33 1.08 -11.47
N ARG B 146 -22.30 1.21 -12.36
CA ARG B 146 -22.03 1.57 -13.74
C ARG B 146 -21.42 2.97 -13.85
N ASP B 147 -21.98 3.93 -13.12
CA ASP B 147 -21.59 5.32 -13.30
C ASP B 147 -20.37 5.74 -12.48
N PHE B 148 -20.16 5.12 -11.33
CA PHE B 148 -19.11 5.56 -10.41
C PHE B 148 -18.14 4.46 -9.98
N GLY B 149 -18.39 3.22 -10.41
CA GLY B 149 -17.47 2.12 -10.13
C GLY B 149 -17.52 1.60 -8.69
N ILE B 150 -18.48 2.09 -7.91
CA ILE B 150 -18.64 1.68 -6.51
C ILE B 150 -19.50 0.42 -6.41
N GLY B 151 -19.00 -0.57 -5.68
CA GLY B 151 -19.75 -1.79 -5.41
C GLY B 151 -20.57 -1.60 -4.15
N ALA B 152 -21.65 -2.37 -4.00
CA ALA B 152 -22.53 -2.16 -2.86
C ALA B 152 -23.31 -3.41 -2.47
N ARG B 153 -23.70 -3.48 -1.20
CA ARG B 153 -24.66 -4.47 -0.74
C ARG B 153 -25.78 -3.77 0.03
N LEU B 154 -26.97 -4.34 -0.07
CA LEU B 154 -28.13 -3.84 0.67
C LEU B 154 -28.37 -4.75 1.88
N ILE B 155 -28.61 -4.14 3.04
CA ILE B 155 -28.86 -4.87 4.27
C ILE B 155 -30.21 -4.44 4.83
N PRO B 156 -31.29 -5.15 4.45
CA PRO B 156 -32.61 -4.88 5.06
C PRO B 156 -32.51 -5.03 6.57
N SER B 157 -33.07 -4.07 7.29
CA SER B 157 -32.84 -3.97 8.72
C SER B 157 -34.14 -3.93 9.49
N ILE B 158 -34.16 -4.70 10.57
CA ILE B 158 -35.28 -4.77 11.49
C ILE B 158 -35.50 -3.43 12.19
N ASP B 159 -36.76 -3.00 12.25
CA ASP B 159 -37.16 -1.81 13.01
C ASP B 159 -37.52 -2.31 14.39
N ARG B 160 -36.60 -2.21 15.34
CA ARG B 160 -36.76 -2.87 16.62
C ARG B 160 -37.86 -2.26 17.49
N GLU B 161 -38.40 -1.11 17.08
CA GLU B 161 -39.51 -0.52 17.81
C GLU B 161 -40.84 -1.19 17.49
N GLN B 162 -40.88 -1.96 16.41
CA GLN B 162 -42.10 -2.71 16.06
C GLN B 162 -42.00 -4.17 16.51
N ASP B 163 -43.11 -4.90 16.37
CA ASP B 163 -43.23 -6.27 16.87
C ASP B 163 -42.24 -7.23 16.18
N PRO B 164 -41.77 -8.25 16.91
CA PRO B 164 -40.84 -9.20 16.27
C PRO B 164 -41.43 -9.93 15.06
N ASP B 165 -42.75 -9.99 14.92
CA ASP B 165 -43.36 -10.55 13.71
C ASP B 165 -42.99 -9.74 12.46
N GLU B 166 -42.82 -8.43 12.61
CA GLU B 166 -42.40 -7.61 11.48
C GLU B 166 -40.97 -7.94 11.05
N ALA B 167 -40.14 -8.36 12.01
CA ALA B 167 -38.77 -8.77 11.71
C ALA B 167 -38.75 -10.06 10.89
N VAL B 168 -39.57 -11.03 11.30
CA VAL B 168 -39.71 -12.26 10.53
C VAL B 168 -40.22 -11.97 9.12
N ALA B 169 -41.16 -11.03 9.00
CA ALA B 169 -41.69 -10.66 7.69
C ALA B 169 -40.58 -10.18 6.75
N ILE B 170 -39.58 -9.49 7.27
CA ILE B 170 -38.47 -9.03 6.44
C ILE B 170 -37.72 -10.21 5.84
N VAL B 171 -37.43 -11.22 6.65
CA VAL B 171 -36.71 -12.38 6.16
C VAL B 171 -37.56 -13.16 5.14
N ASP B 172 -38.87 -13.26 5.37
CA ASP B 172 -39.77 -13.87 4.39
C ASP B 172 -39.72 -13.12 3.06
N TRP B 173 -39.77 -11.80 3.12
CA TRP B 173 -39.68 -10.97 1.92
C TRP B 173 -38.35 -11.18 1.19
N MET B 174 -37.25 -11.24 1.95
CA MET B 174 -35.95 -11.43 1.34
C MET B 174 -35.87 -12.75 0.60
N LYS B 175 -36.40 -13.80 1.21
CA LYS B 175 -36.38 -15.14 0.62
C LYS B 175 -37.21 -15.21 -0.65
N ALA B 176 -38.28 -14.41 -0.70
CA ALA B 176 -39.15 -14.39 -1.87
C ALA B 176 -38.60 -13.50 -2.99
N ASN B 177 -37.55 -12.73 -2.71
CA ASN B 177 -37.00 -11.78 -3.67
C ASN B 177 -35.48 -11.79 -3.67
N ARG B 178 -34.89 -12.96 -3.84
CA ARG B 178 -33.43 -13.05 -3.75
C ARG B 178 -32.74 -12.25 -4.85
N ALA B 179 -31.63 -11.62 -4.47
CA ALA B 179 -30.80 -10.85 -5.40
C ALA B 179 -29.39 -10.81 -4.83
N ASP B 180 -28.40 -10.87 -5.72
CA ASP B 180 -26.99 -10.89 -5.31
C ASP B 180 -26.64 -9.71 -4.42
N GLU B 181 -27.30 -8.59 -4.68
CA GLU B 181 -27.02 -7.34 -3.96
C GLU B 181 -27.45 -7.37 -2.51
N VAL B 182 -28.39 -8.25 -2.17
CA VAL B 182 -29.00 -8.26 -0.85
C VAL B 182 -28.35 -9.35 0.00
N ALA B 183 -27.54 -8.95 0.97
CA ALA B 183 -26.57 -9.85 1.58
C ALA B 183 -26.91 -10.37 2.97
N GLY B 184 -27.78 -9.67 3.69
CA GLY B 184 -28.05 -10.05 5.06
C GLY B 184 -28.94 -9.04 5.74
N ILE B 185 -29.12 -9.20 7.05
CA ILE B 185 -29.98 -8.32 7.82
C ILE B 185 -29.25 -7.63 8.95
N GLY B 186 -29.82 -6.52 9.39
CA GLY B 186 -29.40 -5.82 10.60
C GLY B 186 -30.59 -5.51 11.49
N ILE B 187 -30.33 -4.79 12.59
CA ILE B 187 -31.40 -4.31 13.47
C ILE B 187 -31.02 -2.94 13.99
N ASP B 188 -31.96 -2.01 13.95
CA ASP B 188 -31.67 -0.65 14.40
C ASP B 188 -32.94 0.04 14.90
N TYR B 189 -32.91 1.37 14.97
CA TYR B 189 -33.87 2.23 15.66
C TYR B 189 -33.65 2.19 17.19
N ARG B 190 -34.57 2.71 17.99
CA ARG B 190 -34.26 2.95 19.40
C ARG B 190 -34.05 1.66 20.20
N GLU B 191 -32.86 1.49 20.77
CA GLU B 191 -32.48 0.25 21.44
C GLU B 191 -33.13 0.10 22.82
N ASN B 192 -33.42 1.23 23.46
CA ASN B 192 -33.97 1.21 24.81
C ASN B 192 -35.21 0.33 24.91
N ASP B 193 -35.20 -0.59 25.88
CA ASP B 193 -36.35 -1.46 26.15
C ASP B 193 -36.72 -2.42 25.01
N ARG B 194 -35.85 -2.52 24.00
CA ARG B 194 -36.11 -3.40 22.86
C ARG B 194 -34.90 -4.27 22.62
N PRO B 195 -34.64 -5.22 23.54
CA PRO B 195 -33.38 -5.96 23.52
C PRO B 195 -33.29 -6.95 22.36
N PRO B 196 -32.06 -7.28 21.96
CA PRO B 196 -31.89 -8.05 20.72
C PRO B 196 -32.49 -9.46 20.78
N GLU B 197 -32.52 -10.07 21.96
CA GLU B 197 -33.08 -11.42 22.05
C GLU B 197 -34.57 -11.49 21.71
N LEU B 198 -35.25 -10.35 21.76
CA LEU B 198 -36.65 -10.29 21.35
C LEU B 198 -36.84 -10.76 19.90
N PHE B 199 -35.79 -10.59 19.10
CA PHE B 199 -35.84 -10.81 17.64
C PHE B 199 -35.12 -12.08 17.24
N TRP B 200 -35.03 -13.02 18.18
CA TRP B 200 -34.34 -14.29 17.93
C TRP B 200 -34.85 -15.01 16.69
N LYS B 201 -36.16 -14.96 16.45
CA LYS B 201 -36.74 -15.76 15.37
C LYS B 201 -36.29 -15.27 13.99
N ALA B 202 -36.30 -13.94 13.80
CA ALA B 202 -35.85 -13.39 12.52
C ALA B 202 -34.40 -13.74 12.25
N TYR B 203 -33.57 -13.66 13.30
CA TYR B 203 -32.14 -13.99 13.13
C TYR B 203 -31.96 -15.47 12.81
N ARG B 204 -32.69 -16.33 13.51
CA ARG B 204 -32.65 -17.77 13.20
C ARG B 204 -33.00 -18.02 11.73
N ASP B 205 -34.09 -17.41 11.28
CA ASP B 205 -34.57 -17.62 9.91
C ASP B 205 -33.54 -17.10 8.90
N ALA B 206 -32.94 -15.96 9.19
CA ALA B 206 -31.96 -15.38 8.28
C ALA B 206 -30.72 -16.27 8.16
N ARG B 207 -30.21 -16.74 9.29
CA ARG B 207 -29.02 -17.58 9.28
C ARG B 207 -29.32 -18.88 8.55
N ALA B 208 -30.50 -19.44 8.80
CA ALA B 208 -30.89 -20.71 8.17
C ALA B 208 -30.98 -20.58 6.66
N ALA B 209 -31.33 -19.40 6.18
CA ALA B 209 -31.44 -19.14 4.75
C ALA B 209 -30.10 -18.71 4.14
N GLY B 210 -29.03 -18.76 4.93
CA GLY B 210 -27.70 -18.47 4.43
C GLY B 210 -27.30 -17.01 4.41
N PHE B 211 -28.13 -16.14 4.98
CA PHE B 211 -27.82 -14.71 5.03
C PHE B 211 -26.82 -14.40 6.13
N ARG B 212 -26.00 -13.39 5.89
CA ARG B 212 -25.20 -12.83 6.98
C ARG B 212 -26.07 -11.95 7.88
N THR B 213 -25.59 -11.69 9.10
CA THR B 213 -26.33 -10.82 10.00
C THR B 213 -25.41 -9.87 10.76
N THR B 214 -25.97 -8.72 11.13
CA THR B 214 -25.30 -7.75 11.97
C THR B 214 -26.34 -7.17 12.93
N ALA B 215 -25.93 -6.38 13.90
CA ALA B 215 -26.88 -5.80 14.85
C ALA B 215 -26.31 -4.56 15.50
N HIS B 216 -27.12 -3.52 15.62
CA HIS B 216 -26.84 -2.40 16.51
C HIS B 216 -26.95 -2.91 17.96
N ALA B 217 -25.93 -2.68 18.76
CA ALA B 217 -25.94 -3.12 20.16
C ALA B 217 -25.03 -2.26 21.00
N GLY B 218 -25.46 -1.90 22.20
CA GLY B 218 -24.62 -1.14 23.11
C GLY B 218 -24.55 0.34 22.80
N GLU B 219 -25.56 0.85 22.09
CA GLU B 219 -25.72 2.28 21.82
C GLU B 219 -26.58 2.88 22.92
N PHE B 220 -26.57 4.21 23.05
CA PHE B 220 -27.41 4.91 24.02
C PHE B 220 -27.10 4.49 25.46
N GLY B 221 -25.90 3.98 25.71
CA GLY B 221 -25.53 3.49 27.03
C GLY B 221 -26.23 2.19 27.41
N MET B 222 -26.83 1.49 26.44
CA MET B 222 -27.48 0.22 26.72
C MET B 222 -26.44 -0.81 27.18
N PRO B 223 -26.87 -1.80 27.98
CA PRO B 223 -25.93 -2.69 28.65
C PRO B 223 -25.08 -3.51 27.70
N TRP B 224 -23.85 -3.82 28.10
CA TRP B 224 -22.99 -4.69 27.30
C TRP B 224 -23.61 -6.07 27.09
N ARG B 225 -24.53 -6.46 27.96
CA ARG B 225 -25.33 -7.68 27.78
C ARG B 225 -25.89 -7.78 26.36
N ASN B 226 -26.30 -6.66 25.79
CA ASN B 226 -26.86 -6.64 24.45
C ASN B 226 -25.84 -7.03 23.38
N VAL B 227 -24.59 -6.61 23.57
CA VAL B 227 -23.51 -6.99 22.67
C VAL B 227 -23.27 -8.50 22.76
N GLU B 228 -23.21 -9.01 23.99
CA GLU B 228 -23.03 -10.44 24.17
C GLU B 228 -24.17 -11.24 23.52
N THR B 229 -25.40 -10.77 23.68
CA THR B 229 -26.55 -11.46 23.09
C THR B 229 -26.46 -11.45 21.57
N ALA B 230 -26.09 -10.32 21.00
CA ALA B 230 -25.96 -10.25 19.55
C ALA B 230 -24.91 -11.24 19.03
N VAL B 231 -23.76 -11.28 19.68
CA VAL B 231 -22.67 -12.13 19.23
C VAL B 231 -22.90 -13.62 19.51
N ASP B 232 -23.39 -13.93 20.72
CA ASP B 232 -23.43 -15.31 21.18
C ASP B 232 -24.79 -16.00 21.15
N LEU B 233 -25.87 -15.22 21.01
CA LEU B 233 -27.19 -15.80 20.78
C LEU B 233 -27.59 -15.63 19.31
N LEU B 234 -27.55 -14.40 18.82
CA LEU B 234 -27.96 -14.15 17.43
C LEU B 234 -26.88 -14.61 16.44
N HIS B 235 -25.65 -14.79 16.93
CA HIS B 235 -24.52 -15.22 16.11
C HIS B 235 -24.21 -14.26 14.96
N VAL B 236 -24.26 -12.97 15.24
CA VAL B 236 -23.96 -11.99 14.19
C VAL B 236 -22.53 -12.12 13.64
N ASP B 237 -22.36 -11.77 12.37
CA ASP B 237 -21.05 -11.76 11.73
C ASP B 237 -20.20 -10.55 12.10
N ARG B 238 -20.86 -9.43 12.40
CA ARG B 238 -20.19 -8.25 12.90
C ARG B 238 -21.15 -7.47 13.79
N VAL B 239 -20.64 -6.46 14.48
CA VAL B 239 -21.42 -5.69 15.43
C VAL B 239 -21.41 -4.22 15.03
N ASP B 240 -22.57 -3.59 15.14
CA ASP B 240 -22.69 -2.14 14.95
C ASP B 240 -22.71 -1.38 16.27
N HIS B 241 -21.75 -0.45 16.39
CA HIS B 241 -21.46 0.32 17.61
C HIS B 241 -20.71 -0.54 18.64
N GLY B 242 -21.45 -1.20 19.55
CA GLY B 242 -20.84 -2.10 20.51
C GLY B 242 -20.16 -1.41 21.67
N TYR B 243 -20.36 -0.11 21.83
CA TYR B 243 -19.49 0.71 22.72
C TYR B 243 -19.38 0.23 24.15
N THR B 244 -20.51 -0.16 24.75
CA THR B 244 -20.48 -0.51 26.17
C THR B 244 -19.74 -1.82 26.47
N ILE B 245 -19.30 -2.52 25.44
N ILE B 245 -19.31 -2.54 25.43
CA ILE B 245 -18.50 -3.74 25.61
CA ILE B 245 -18.51 -3.75 25.64
C ILE B 245 -17.22 -3.42 26.37
C ILE B 245 -17.21 -3.43 26.38
N VAL B 246 -16.78 -2.17 26.34
CA VAL B 246 -15.56 -1.77 27.06
C VAL B 246 -15.70 -1.93 28.57
N ASP B 247 -16.95 -2.04 29.04
CA ASP B 247 -17.22 -2.29 30.46
C ASP B 247 -16.86 -3.71 30.87
N ASN B 248 -16.68 -4.59 29.89
CA ASN B 248 -16.33 -5.98 30.15
C ASN B 248 -15.07 -6.41 29.39
N PRO B 249 -13.89 -6.10 29.95
CA PRO B 249 -12.64 -6.46 29.27
C PRO B 249 -12.47 -7.96 29.00
N GLU B 250 -13.05 -8.83 29.83
CA GLU B 250 -12.97 -10.27 29.60
C GLU B 250 -13.64 -10.63 28.28
N LEU B 251 -14.84 -10.12 28.06
CA LEU B 251 -15.57 -10.38 26.84
C LEU B 251 -14.85 -9.77 25.65
N CYS B 252 -14.25 -8.59 25.84
CA CYS B 252 -13.45 -7.97 24.79
C CYS B 252 -12.36 -8.93 24.33
N ALA B 253 -11.71 -9.57 25.28
CA ALA B 253 -10.65 -10.52 24.98
C ALA B 253 -11.14 -11.70 24.13
N ARG B 254 -12.31 -12.22 24.47
CA ARG B 254 -12.87 -13.33 23.70
C ARG B 254 -13.21 -12.91 22.27
N TYR B 255 -13.80 -11.73 22.12
CA TYR B 255 -14.26 -11.31 20.80
C TYR B 255 -13.07 -10.82 19.97
N ALA B 256 -12.06 -10.28 20.65
CA ALA B 256 -10.79 -9.97 19.99
C ALA B 256 -10.15 -11.20 19.37
N GLU B 257 -10.10 -12.30 20.14
CA GLU B 257 -9.53 -13.53 19.62
C GLU B 257 -10.32 -14.06 18.43
N ARG B 258 -11.64 -13.85 18.45
CA ARG B 258 -12.51 -14.33 17.37
C ARG B 258 -12.53 -13.39 16.17
N GLY B 259 -11.86 -12.25 16.28
CA GLY B 259 -11.75 -11.30 15.17
C GLY B 259 -13.05 -10.62 14.75
N ILE B 260 -13.97 -10.45 15.69
CA ILE B 260 -15.24 -9.78 15.39
C ILE B 260 -15.01 -8.30 15.08
N VAL B 261 -15.53 -7.82 13.95
CA VAL B 261 -15.38 -6.42 13.59
C VAL B 261 -16.54 -5.59 14.14
N PHE B 262 -16.21 -4.42 14.68
CA PHE B 262 -17.18 -3.47 15.24
C PHE B 262 -17.18 -2.23 14.36
N THR B 263 -18.34 -1.90 13.80
CA THR B 263 -18.48 -0.64 13.07
C THR B 263 -18.70 0.46 14.09
N VAL B 264 -17.95 1.54 13.97
CA VAL B 264 -18.03 2.62 14.93
C VAL B 264 -18.29 3.94 14.23
N VAL B 265 -18.83 4.89 14.98
CA VAL B 265 -19.31 6.13 14.41
C VAL B 265 -18.81 7.29 15.29
N PRO B 266 -17.73 7.97 14.86
CA PRO B 266 -17.22 9.04 15.73
C PRO B 266 -18.26 10.14 16.02
N THR B 267 -19.18 10.36 15.08
CA THR B 267 -20.22 11.36 15.29
C THR B 267 -21.47 10.83 16.04
N ASN B 268 -21.34 9.68 16.71
CA ASN B 268 -22.47 9.14 17.48
C ASN B 268 -23.15 10.21 18.35
N SER B 269 -24.46 10.39 18.15
CA SER B 269 -25.16 11.51 18.78
C SER B 269 -25.23 11.39 20.30
N TYR B 270 -25.45 10.17 20.79
CA TYR B 270 -25.61 9.97 22.23
C TYR B 270 -24.40 10.47 22.99
N TYR B 271 -23.20 10.12 22.55
CA TYR B 271 -22.01 10.56 23.26
C TYR B 271 -21.69 12.03 23.07
N LEU B 272 -21.99 12.57 21.89
CA LEU B 272 -21.83 14.01 21.67
C LEU B 272 -22.75 14.78 22.61
N ARG B 273 -23.95 14.25 22.82
CA ARG B 273 -24.94 14.94 23.64
C ARG B 273 -24.68 14.80 25.15
N THR B 274 -24.21 13.63 25.59
CA THR B 274 -24.12 13.34 27.02
C THR B 274 -22.77 13.62 27.67
N LEU B 275 -21.69 13.59 26.88
CA LEU B 275 -20.36 13.89 27.41
C LEU B 275 -20.03 15.38 27.30
N PRO B 276 -19.39 15.94 28.33
CA PRO B 276 -18.97 17.35 28.26
C PRO B 276 -18.04 17.56 27.06
N PRO B 277 -18.14 18.71 26.39
CA PRO B 277 -17.39 18.89 25.13
C PRO B 277 -15.87 18.82 25.31
N ASP B 278 -15.38 19.18 26.49
CA ASP B 278 -13.94 19.12 26.76
C ASP B 278 -13.49 17.73 27.24
N GLN B 279 -14.45 16.79 27.35
CA GLN B 279 -14.16 15.42 27.78
C GLN B 279 -14.60 14.37 26.74
N TRP B 280 -15.33 14.81 25.73
CA TRP B 280 -15.96 13.90 24.76
C TRP B 280 -14.99 12.90 24.12
N ALA B 281 -13.91 13.40 23.53
CA ALA B 281 -12.98 12.54 22.82
C ALA B 281 -12.25 11.63 23.80
N GLU B 282 -11.83 12.21 24.91
CA GLU B 282 -11.09 11.51 25.94
C GLU B 282 -11.86 10.33 26.51
N ARG B 283 -13.15 10.56 26.78
N ARG B 283 -13.15 10.56 26.78
CA ARG B 283 -13.96 9.57 27.49
CA ARG B 283 -13.96 9.56 27.49
C ARG B 283 -14.77 8.65 26.60
C ARG B 283 -14.76 8.64 26.59
N HIS B 284 -14.74 8.89 25.28
CA HIS B 284 -15.55 8.09 24.35
C HIS B 284 -15.11 6.62 24.40
N PRO B 285 -16.06 5.70 24.64
CA PRO B 285 -15.68 4.29 24.71
C PRO B 285 -15.00 3.80 23.42
N MET B 286 -15.38 4.36 22.27
N MET B 286 -15.38 4.36 22.28
CA MET B 286 -14.76 3.98 20.98
CA MET B 286 -14.78 3.97 21.02
C MET B 286 -13.24 4.09 21.05
C MET B 286 -13.26 4.10 21.05
N ARG B 287 -12.76 5.13 21.72
CA ARG B 287 -11.32 5.34 21.82
C ARG B 287 -10.57 4.21 22.53
N LYS B 288 -11.26 3.50 23.43
CA LYS B 288 -10.68 2.42 24.21
C LYS B 288 -10.70 1.07 23.47
N MET B 289 -11.55 0.97 22.46
CA MET B 289 -11.79 -0.34 21.86
C MET B 289 -10.56 -1.03 21.24
N PRO B 290 -9.73 -0.30 20.46
CA PRO B 290 -8.56 -0.98 19.89
C PRO B 290 -7.57 -1.48 20.95
N GLY B 291 -7.43 -0.72 22.03
CA GLY B 291 -6.52 -1.09 23.11
C GLY B 291 -6.99 -2.31 23.89
N LEU B 292 -8.27 -2.64 23.73
CA LEU B 292 -8.85 -3.85 24.31
C LEU B 292 -8.79 -5.00 23.33
N GLY B 293 -8.11 -4.80 22.20
CA GLY B 293 -7.93 -5.85 21.22
C GLY B 293 -8.96 -5.92 20.11
N LEU B 294 -9.97 -5.07 20.18
CA LEU B 294 -11.07 -5.12 19.21
C LEU B 294 -10.74 -4.46 17.88
N LYS B 295 -11.21 -5.07 16.79
CA LYS B 295 -11.11 -4.49 15.45
C LYS B 295 -12.27 -3.54 15.23
N ILE B 296 -11.96 -2.25 15.11
CA ILE B 296 -12.99 -1.25 14.80
C ILE B 296 -12.80 -0.70 13.39
N HIS B 297 -13.87 -0.11 12.89
CA HIS B 297 -13.90 0.43 11.53
C HIS B 297 -14.84 1.63 11.55
N PRO B 298 -14.32 2.82 11.22
CA PRO B 298 -15.13 4.06 11.32
C PRO B 298 -16.05 4.27 10.11
N ASN B 299 -17.22 4.85 10.38
CA ASN B 299 -18.29 5.03 9.40
C ASN B 299 -19.07 6.29 9.68
N THR B 300 -19.91 6.69 8.71
CA THR B 300 -20.67 7.93 8.82
C THR B 300 -22.04 7.79 9.48
N ASP B 301 -22.67 6.61 9.39
CA ASP B 301 -24.00 6.30 9.98
C ASP B 301 -25.13 7.05 9.27
N ASP B 302 -25.20 8.37 9.46
CA ASP B 302 -26.22 9.20 8.82
C ASP B 302 -25.52 10.41 8.24
N PRO B 303 -24.80 10.22 7.12
CA PRO B 303 -23.85 11.25 6.67
C PRO B 303 -24.46 12.63 6.46
N THR B 304 -25.64 12.72 5.87
CA THR B 304 -26.17 14.06 5.59
C THR B 304 -26.83 14.72 6.79
N LEU B 305 -27.20 13.93 7.78
CA LEU B 305 -27.81 14.45 9.00
C LEU B 305 -26.78 14.73 10.10
N HIS B 306 -25.74 13.91 10.16
CA HIS B 306 -24.61 14.15 11.06
C HIS B 306 -23.62 15.16 10.50
N LYS B 307 -23.79 15.54 9.24
CA LYS B 307 -22.88 16.47 8.55
C LYS B 307 -21.45 15.94 8.56
N VAL B 308 -21.31 14.68 8.15
CA VAL B 308 -20.01 14.03 8.08
C VAL B 308 -19.95 13.16 6.83
N ASN B 309 -18.93 13.37 6.00
CA ASN B 309 -18.71 12.51 4.84
C ASN B 309 -17.61 11.48 5.18
N PRO B 310 -17.37 10.48 4.29
CA PRO B 310 -16.42 9.43 4.68
C PRO B 310 -15.01 9.96 4.96
N SER B 311 -14.56 10.94 4.17
CA SER B 311 -13.24 11.50 4.40
C SER B 311 -13.12 12.16 5.77
N GLU B 312 -14.21 12.80 6.19
CA GLU B 312 -14.27 13.46 7.50
C GLU B 312 -14.33 12.47 8.67
N ALA B 313 -15.07 11.36 8.50
CA ALA B 313 -15.11 10.34 9.54
C ALA B 313 -13.72 9.78 9.81
N TRP B 314 -12.97 9.53 8.73
CA TRP B 314 -11.59 9.07 8.86
C TRP B 314 -10.70 10.13 9.50
N GLU B 315 -10.86 11.37 9.06
CA GLU B 315 -10.12 12.50 9.64
C GLU B 315 -10.30 12.58 11.16
N LEU B 316 -11.56 12.47 11.62
CA LEU B 316 -11.84 12.58 13.06
C LEU B 316 -11.07 11.56 13.88
N MET B 317 -10.93 10.34 13.37
CA MET B 317 -10.19 9.30 14.11
C MET B 317 -8.77 9.76 14.41
N PHE B 318 -8.18 10.47 13.45
CA PHE B 318 -6.82 11.01 13.55
C PHE B 318 -6.78 12.31 14.36
N SER B 319 -7.63 13.25 14.00
CA SER B 319 -7.54 14.61 14.55
C SER B 319 -8.00 14.74 15.99
N HIS B 320 -9.03 13.98 16.35
CA HIS B 320 -9.68 14.14 17.66
C HIS B 320 -9.39 12.97 18.58
N PHE B 321 -9.33 11.77 18.02
CA PHE B 321 -9.19 10.58 18.84
C PHE B 321 -7.76 10.08 18.98
N GLY B 322 -6.83 10.74 18.28
CA GLY B 322 -5.41 10.46 18.45
C GLY B 322 -4.92 9.15 17.86
N PHE B 323 -5.71 8.53 17.00
CA PHE B 323 -5.23 7.34 16.32
C PHE B 323 -4.20 7.74 15.26
N THR B 324 -3.15 6.93 15.12
CA THR B 324 -2.04 7.26 14.23
C THR B 324 -2.34 6.82 12.81
N ILE B 325 -1.44 7.19 11.89
CA ILE B 325 -1.55 6.72 10.52
C ILE B 325 -1.54 5.19 10.47
N ALA B 326 -0.65 4.58 11.26
CA ALA B 326 -0.58 3.13 11.33
C ALA B 326 -1.88 2.52 11.84
N ASP B 327 -2.50 3.18 12.83
CA ASP B 327 -3.80 2.74 13.33
C ASP B 327 -4.84 2.80 12.22
N LEU B 328 -4.83 3.88 11.45
CA LEU B 328 -5.80 4.00 10.36
C LEU B 328 -5.60 2.92 9.30
N LYS B 329 -4.36 2.53 9.03
CA LYS B 329 -4.12 1.42 8.11
C LYS B 329 -4.81 0.15 8.61
N GLN B 330 -4.71 -0.10 9.91
N GLN B 330 -4.71 -0.10 9.91
CA GLN B 330 -5.35 -1.29 10.46
CA GLN B 330 -5.35 -1.27 10.48
C GLN B 330 -6.88 -1.18 10.40
C GLN B 330 -6.87 -1.18 10.41
N PHE B 331 -7.41 0.02 10.63
CA PHE B 331 -8.86 0.22 10.51
C PHE B 331 -9.31 -0.11 9.08
N MET B 332 -8.51 0.26 8.09
CA MET B 332 -8.83 -0.06 6.70
C MET B 332 -8.85 -1.58 6.49
N LEU B 333 -7.85 -2.27 7.02
CA LEU B 333 -7.80 -3.72 6.93
C LEU B 333 -8.99 -4.36 7.67
N ASN B 334 -9.40 -3.75 8.78
CA ASN B 334 -10.57 -4.24 9.51
C ASN B 334 -11.84 -4.15 8.68
N GLY B 335 -11.98 -3.07 7.91
CA GLY B 335 -13.12 -2.91 7.00
C GLY B 335 -13.17 -3.99 5.94
N ILE B 336 -12.02 -4.37 5.41
CA ILE B 336 -11.94 -5.47 4.46
C ILE B 336 -12.37 -6.78 5.15
N ASP B 337 -11.82 -7.04 6.34
CA ASP B 337 -12.16 -8.26 7.08
C ASP B 337 -13.64 -8.34 7.38
N GLY B 338 -14.25 -7.20 7.68
CA GLY B 338 -15.64 -7.18 8.10
C GLY B 338 -16.66 -7.21 6.96
N ALA B 339 -16.20 -6.92 5.75
CA ALA B 339 -17.10 -6.80 4.59
C ALA B 339 -17.75 -8.12 4.23
N TRP B 340 -18.94 -8.03 3.65
CA TRP B 340 -19.72 -9.20 3.28
C TRP B 340 -19.50 -9.54 1.81
N VAL B 341 -18.27 -9.94 1.52
CA VAL B 341 -17.86 -10.37 0.18
C VAL B 341 -17.04 -11.64 0.36
N ASP B 342 -16.73 -12.33 -0.74
CA ASP B 342 -15.99 -13.59 -0.62
C ASP B 342 -14.51 -13.41 -0.27
N ASP B 343 -13.85 -14.50 0.08
CA ASP B 343 -12.45 -14.46 0.51
C ASP B 343 -11.50 -14.00 -0.60
N ASP B 344 -11.76 -14.40 -1.84
CA ASP B 344 -10.95 -13.95 -2.95
C ASP B 344 -11.01 -12.43 -3.11
N THR B 345 -12.20 -11.86 -2.90
CA THR B 345 -12.36 -10.41 -3.00
C THR B 345 -11.59 -9.71 -1.89
N LYS B 346 -11.71 -10.22 -0.66
CA LYS B 346 -10.96 -9.64 0.44
C LYS B 346 -9.45 -9.70 0.19
N ALA B 347 -8.98 -10.83 -0.32
CA ALA B 347 -7.55 -10.99 -0.59
C ALA B 347 -7.08 -9.98 -1.61
N ALA B 348 -7.88 -9.76 -2.66
CA ALA B 348 -7.53 -8.79 -3.69
C ALA B 348 -7.50 -7.36 -3.11
N TRP B 349 -8.48 -7.03 -2.27
CA TRP B 349 -8.49 -5.72 -1.63
C TRP B 349 -7.25 -5.51 -0.76
N ARG B 350 -6.88 -6.52 0.03
CA ARG B 350 -5.71 -6.38 0.90
C ARG B 350 -4.47 -6.16 0.05
N ALA B 351 -4.36 -6.94 -1.02
CA ALA B 351 -3.19 -6.89 -1.89
C ALA B 351 -3.06 -5.56 -2.64
N ALA B 352 -4.18 -4.95 -2.98
CA ALA B 352 -4.15 -3.68 -3.69
C ALA B 352 -4.14 -2.45 -2.77
N TRP B 353 -4.98 -2.45 -1.74
CA TRP B 353 -5.17 -1.25 -0.95
C TRP B 353 -4.07 -1.00 0.07
N ALA B 354 -3.43 -2.05 0.56
CA ALA B 354 -2.33 -1.84 1.50
C ALA B 354 -1.16 -1.08 0.87
N PRO B 355 -0.67 -1.51 -0.31
CA PRO B 355 0.37 -0.70 -0.95
C PRO B 355 -0.12 0.70 -1.33
N GLU B 356 -1.39 0.81 -1.73
CA GLU B 356 -1.94 2.10 -2.09
C GLU B 356 -1.93 3.03 -0.88
N PHE B 357 -2.35 2.51 0.28
CA PHE B 357 -2.28 3.24 1.54
C PHE B 357 -0.83 3.69 1.81
N ASP B 358 0.10 2.77 1.67
CA ASP B 358 1.50 3.05 1.99
C ASP B 358 2.03 4.22 1.17
N MET B 359 1.66 4.29 -0.11
CA MET B 359 2.10 5.39 -0.95
C MET B 359 1.47 6.71 -0.52
N LEU B 360 0.19 6.68 -0.18
CA LEU B 360 -0.48 7.89 0.27
C LEU B 360 0.12 8.39 1.58
N ALA B 361 0.47 7.45 2.46
CA ALA B 361 1.06 7.80 3.75
C ALA B 361 2.44 8.41 3.55
N ASP B 362 3.23 7.84 2.63
CA ASP B 362 4.57 8.38 2.37
C ASP B 362 4.44 9.77 1.76
N THR B 363 3.42 9.94 0.92
CA THR B 363 3.18 11.21 0.25
C THR B 363 2.72 12.30 1.23
N LEU B 364 1.89 11.92 2.20
CA LEU B 364 1.52 12.83 3.28
C LEU B 364 2.75 13.32 4.05
N ALA B 365 3.64 12.39 4.41
CA ALA B 365 4.86 12.73 5.11
C ALA B 365 5.72 13.69 4.31
N ALA B 366 5.80 13.46 3.00
CA ALA B 366 6.60 14.30 2.12
C ALA B 366 5.96 15.66 1.91
N ASP B 367 4.65 15.66 1.65
CA ASP B 367 3.87 16.88 1.52
C ASP B 367 4.03 17.79 2.74
ZN ZN C . 19.27 -2.69 -5.05
ZN ZN D . -26.67 3.14 12.67
CL CL E . -29.14 9.70 20.18
CL CL F . 0.54 9.48 13.10
#